data_3CQ0
#
_entry.id   3CQ0
#
_cell.length_a   85.027
_cell.length_b   113.461
_cell.length_c   158.917
_cell.angle_alpha   90.000
_cell.angle_beta   90.000
_cell.angle_gamma   90.000
#
_symmetry.space_group_name_H-M   'I 21 21 21'
#
loop_
_entity.id
_entity.type
_entity.pdbx_description
1 polymer 'Putative transaldolase YGR043C'
2 non-polymer 1,2-ETHANEDIOL
3 non-polymer 'TETRAETHYLENE GLYCOL'
4 non-polymer GLYCEROL
5 water water
#
_entity_poly.entity_id   1
_entity_poly.type   'polypeptide(L)'
_entity_poly.pdbx_seq_one_letter_code
;MSEPSEKKQKVATSSLEQLKKAGTHVVADSGDFEAISKYEPQDSTTNPSLILAASKLEKYARFIDAAVEYGRKHGKTDHE
KIENAMDKILVEFGTQILKVVPGRVSTEVDARLSFDKKATVKKALHIIKLYKDAGVPKERVLIKIASTWEGIQAARELEV
KHGIHCNMTLLFSFTQAVACAEANVTLISPFVGRIMDFYKALSGKDYTAETDPGVLSVKKIYSYYKRHGYATEVMAASFR
NLDELKALAGIDNMTLPLNLLEQLYESTDPIENKLNSESAKEEGVEKVSFINDEPHFRYVLNEDQMATEKLSDGIRKFSA
DIEALYKLVEEKMLEHHHH
;
_entity_poly.pdbx_strand_id   A,B
#
# COMPACT_ATOMS: atom_id res chain seq x y z
N ALA A 12 27.98 41.67 0.76
CA ALA A 12 26.82 40.92 0.19
C ALA A 12 26.61 39.60 0.94
N THR A 13 25.35 39.33 1.26
CA THR A 13 24.97 38.16 2.06
C THR A 13 24.85 36.92 1.17
N SER A 14 25.38 35.79 1.64
CA SER A 14 25.25 34.53 0.90
C SER A 14 23.79 34.10 0.80
N SER A 15 23.47 33.35 -0.24
CA SER A 15 22.12 32.78 -0.37
C SER A 15 21.72 31.98 0.87
N LEU A 16 22.70 31.29 1.47
CA LEU A 16 22.48 30.52 2.68
C LEU A 16 22.03 31.39 3.87
N GLU A 17 22.75 32.49 4.13
CA GLU A 17 22.33 33.40 5.19
C GLU A 17 20.98 34.06 4.89
N GLN A 18 20.73 34.36 3.62
CA GLN A 18 19.45 34.95 3.19
C GLN A 18 18.26 34.03 3.47
N LEU A 19 18.45 32.72 3.23
CA LEU A 19 17.44 31.72 3.59
C LEU A 19 17.16 31.75 5.10
N LYS A 20 18.21 31.81 5.91
CA LYS A 20 18.05 31.90 7.37
C LYS A 20 17.32 33.19 7.76
N LYS A 21 17.65 34.29 7.08
CA LYS A 21 16.99 35.57 7.34
C LYS A 21 15.52 35.59 6.90
N ALA A 22 15.19 34.79 5.88
CA ALA A 22 13.82 34.61 5.40
C ALA A 22 12.93 33.84 6.39
N GLY A 23 13.55 33.27 7.43
CA GLY A 23 12.83 32.62 8.53
C GLY A 23 12.90 31.10 8.57
N THR A 24 13.76 30.52 7.74
CA THR A 24 13.92 29.05 7.66
C THR A 24 15.15 28.60 8.43
N HIS A 25 14.97 27.67 9.37
CA HIS A 25 16.11 27.00 10.00
C HIS A 25 16.73 26.00 9.03
N VAL A 26 18.05 26.03 8.93
CA VAL A 26 18.79 25.18 8.01
C VAL A 26 19.19 23.89 8.71
N VAL A 27 18.88 22.76 8.07
CA VAL A 27 19.19 21.44 8.60
C VAL A 27 20.06 20.68 7.59
N ALA A 28 21.10 20.03 8.09
CA ALA A 28 22.05 19.36 7.21
C ALA A 28 21.72 17.87 7.09
N ASP A 29 21.49 17.43 5.85
CA ASP A 29 21.11 16.04 5.59
C ASP A 29 22.37 15.28 5.17
N SER A 30 23.05 14.69 6.15
CA SER A 30 24.30 13.98 5.89
C SER A 30 24.78 13.24 7.13
N GLY A 31 25.43 12.10 6.91
CA GLY A 31 26.15 11.40 7.98
C GLY A 31 27.61 11.82 8.08
N ASP A 32 28.06 12.61 7.11
CA ASP A 32 29.46 13.07 7.05
C ASP A 32 29.59 14.30 7.94
N PHE A 33 29.61 14.07 9.25
CA PHE A 33 29.50 15.15 10.24
C PHE A 33 30.65 16.17 10.18
N GLU A 34 31.81 15.72 9.72
CA GLU A 34 32.97 16.59 9.50
C GLU A 34 32.72 17.70 8.48
N ALA A 35 31.77 17.48 7.59
CA ALA A 35 31.57 18.38 6.46
C ALA A 35 30.48 19.44 6.71
N ILE A 36 29.78 19.36 7.83
CA ILE A 36 28.56 20.15 7.99
C ILE A 36 28.73 21.49 8.71
N SER A 37 29.76 21.62 9.55
CA SER A 37 29.86 22.79 10.44
C SER A 37 29.97 24.14 9.72
N LYS A 38 30.55 24.18 8.53
CA LYS A 38 30.73 25.48 7.85
C LYS A 38 29.40 26.13 7.48
N TYR A 39 28.36 25.32 7.30
CA TYR A 39 27.03 25.81 6.94
C TYR A 39 26.25 26.29 8.16
N GLU A 40 26.81 26.09 9.34
CA GLU A 40 26.15 26.44 10.60
C GLU A 40 24.68 26.00 10.64
N PRO A 41 24.42 24.69 10.45
CA PRO A 41 23.05 24.22 10.52
C PRO A 41 22.57 24.18 11.97
N GLN A 42 21.26 24.33 12.16
CA GLN A 42 20.65 24.21 13.47
C GLN A 42 20.54 22.76 13.90
N ASP A 43 19.95 21.93 13.03
CA ASP A 43 19.83 20.49 13.30
C ASP A 43 20.54 19.70 12.20
N SER A 44 20.54 18.38 12.37
CA SER A 44 21.07 17.44 11.40
C SER A 44 20.08 16.30 11.18
N THR A 45 20.01 15.78 9.96
CA THR A 45 19.26 14.54 9.70
C THR A 45 20.15 13.45 9.13
N THR A 46 19.89 12.21 9.55
CA THR A 46 20.47 11.04 8.92
C THR A 46 19.34 10.09 8.50
N ASN A 47 19.67 9.13 7.64
CA ASN A 47 18.72 8.10 7.22
C ASN A 47 19.55 6.89 6.78
N PRO A 48 18.91 5.73 6.48
CA PRO A 48 19.72 4.57 6.11
C PRO A 48 20.69 4.75 4.91
N SER A 49 20.29 5.50 3.88
CA SER A 49 21.19 5.74 2.75
C SER A 49 22.43 6.53 3.17
N LEU A 50 22.21 7.56 3.99
CA LEU A 50 23.30 8.42 4.46
C LEU A 50 24.23 7.71 5.45
N ILE A 51 23.65 6.88 6.32
CA ILE A 51 24.44 6.10 7.28
C ILE A 51 25.29 5.07 6.56
N LEU A 52 24.69 4.41 5.56
CA LEU A 52 25.43 3.45 4.74
C LEU A 52 26.63 4.14 4.07
N ALA A 53 26.37 5.29 3.44
CA ALA A 53 27.42 6.04 2.73
C ALA A 53 28.56 6.43 3.66
N ALA A 54 28.21 6.97 4.83
CA ALA A 54 29.20 7.42 5.80
C ALA A 54 29.99 6.25 6.37
N SER A 55 29.30 5.13 6.61
CA SER A 55 29.92 3.93 7.16
C SER A 55 31.02 3.33 6.26
N LYS A 56 30.92 3.62 4.96
CA LYS A 56 31.90 3.16 3.98
C LYS A 56 33.17 4.00 3.93
N LEU A 57 33.11 5.21 4.47
CA LEU A 57 34.26 6.13 4.45
C LEU A 57 35.37 5.69 5.41
N GLU A 58 36.58 5.52 4.88
CA GLU A 58 37.72 5.05 5.68
C GLU A 58 38.01 5.95 6.87
N LYS A 59 37.77 7.26 6.73
CA LYS A 59 38.06 8.22 7.80
C LYS A 59 37.20 7.98 9.05
N TYR A 60 36.08 7.28 8.88
CA TYR A 60 35.16 7.00 10.00
C TYR A 60 35.29 5.58 10.56
N ALA A 61 36.32 4.86 10.09
CA ALA A 61 36.54 3.47 10.49
C ALA A 61 36.51 3.25 12.01
N ARG A 62 37.00 4.21 12.79
CA ARG A 62 37.04 4.04 14.25
C ARG A 62 35.65 3.98 14.89
N PHE A 63 34.67 4.64 14.26
CA PHE A 63 33.30 4.63 14.77
C PHE A 63 32.60 3.32 14.44
N ILE A 64 32.84 2.80 13.24
CA ILE A 64 32.36 1.49 12.87
C ILE A 64 32.98 0.41 13.77
N ASP A 65 34.29 0.53 14.03
CA ASP A 65 34.99 -0.42 14.90
C ASP A 65 34.39 -0.43 16.31
N ALA A 66 34.13 0.76 16.85
CA ALA A 66 33.51 0.89 18.18
C ALA A 66 32.13 0.24 18.23
N ALA A 67 31.38 0.38 17.14
CA ALA A 67 30.04 -0.21 17.04
C ALA A 67 30.13 -1.73 16.94
N VAL A 68 31.09 -2.21 16.15
CA VAL A 68 31.32 -3.65 16.00
C VAL A 68 31.74 -4.31 17.33
N GLU A 69 32.64 -3.66 18.08
CA GLU A 69 33.02 -4.14 19.40
C GLU A 69 31.80 -4.20 20.33
N TYR A 70 30.99 -3.16 20.31
CA TYR A 70 29.75 -3.10 21.09
C TYR A 70 28.82 -4.27 20.74
N GLY A 71 28.60 -4.50 19.45
CA GLY A 71 27.75 -5.60 19.00
C GLY A 71 28.27 -6.96 19.40
N ARG A 72 29.58 -7.15 19.30
CA ARG A 72 30.24 -8.39 19.73
C ARG A 72 29.98 -8.68 21.20
N LYS A 73 30.04 -7.64 22.02
CA LYS A 73 29.77 -7.74 23.46
C LYS A 73 28.33 -8.16 23.76
N HIS A 74 27.37 -7.56 23.06
CA HIS A 74 25.97 -7.73 23.43
C HIS A 74 25.18 -8.84 22.73
N GLY A 75 25.62 -9.24 21.54
CA GLY A 75 24.94 -10.31 20.81
C GLY A 75 25.50 -11.67 21.16
N LYS A 76 24.67 -12.71 21.02
CA LYS A 76 25.16 -14.08 21.14
C LYS A 76 25.36 -14.72 19.77
N THR A 77 24.31 -14.76 18.95
CA THR A 77 24.45 -15.19 17.55
C THR A 77 25.15 -14.09 16.78
N ASP A 78 25.81 -14.43 15.68
CA ASP A 78 26.40 -13.41 14.80
C ASP A 78 25.31 -12.41 14.35
N HIS A 79 24.11 -12.93 14.07
CA HIS A 79 22.98 -12.07 13.69
C HIS A 79 22.69 -10.99 14.74
N GLU A 80 22.58 -11.39 16.01
CA GLU A 80 22.40 -10.47 17.13
C GLU A 80 23.56 -9.47 17.25
N LYS A 81 24.78 -9.97 17.10
CA LYS A 81 25.96 -9.11 17.17
C LYS A 81 25.87 -8.01 16.12
N ILE A 82 25.52 -8.40 14.89
CA ILE A 82 25.44 -7.49 13.75
C ILE A 82 24.33 -6.44 13.96
N GLU A 83 23.16 -6.91 14.39
CA GLU A 83 22.01 -6.02 14.61
C GLU A 83 22.27 -5.00 15.73
N ASN A 84 22.91 -5.45 16.81
CA ASN A 84 23.35 -4.56 17.88
C ASN A 84 24.35 -3.51 17.41
N ALA A 85 25.30 -3.95 16.58
CA ALA A 85 26.32 -3.05 16.03
C ALA A 85 25.69 -1.97 15.16
N MET A 86 24.68 -2.36 14.37
CA MET A 86 24.01 -1.41 13.48
C MET A 86 23.30 -0.31 14.29
N ASP A 87 22.66 -0.70 15.39
CA ASP A 87 22.08 0.26 16.35
C ASP A 87 23.16 1.24 16.82
N LYS A 88 24.31 0.69 17.22
CA LYS A 88 25.39 1.51 17.77
C LYS A 88 25.99 2.46 16.74
N ILE A 89 26.00 2.04 15.47
CA ILE A 89 26.47 2.90 14.38
C ILE A 89 25.63 4.18 14.31
N LEU A 90 24.30 4.04 14.35
CA LEU A 90 23.41 5.20 14.33
C LEU A 90 23.75 6.18 15.45
N VAL A 91 23.97 5.63 16.64
CA VAL A 91 24.23 6.43 17.84
C VAL A 91 25.64 7.03 17.82
N GLU A 92 26.62 6.27 17.34
CA GLU A 92 27.98 6.80 17.16
C GLU A 92 27.97 8.05 16.29
N PHE A 93 27.35 7.95 15.11
CA PHE A 93 27.27 9.08 14.19
C PHE A 93 26.44 10.22 14.79
N GLY A 94 25.34 9.88 15.44
CA GLY A 94 24.47 10.90 16.06
C GLY A 94 25.17 11.68 17.16
N THR A 95 25.92 10.97 17.99
CA THR A 95 26.67 11.58 19.08
C THR A 95 27.71 12.57 18.55
N GLN A 96 28.42 12.16 17.50
CA GLN A 96 29.41 13.03 16.84
C GLN A 96 28.74 14.27 16.22
N ILE A 97 27.59 14.08 15.60
CA ILE A 97 26.84 15.18 14.99
C ILE A 97 26.44 16.23 16.03
N LEU A 98 26.01 15.76 17.20
CA LEU A 98 25.56 16.65 18.28
C LEU A 98 26.67 17.50 18.90
N LYS A 99 27.92 17.11 18.63
CA LYS A 99 29.06 17.94 19.01
C LYS A 99 29.22 19.12 18.05
N VAL A 100 28.63 19.00 16.87
CA VAL A 100 28.82 19.97 15.80
C VAL A 100 27.60 20.90 15.61
N VAL A 101 26.40 20.41 15.89
CA VAL A 101 25.19 21.25 15.75
C VAL A 101 24.67 21.68 17.12
N PRO A 102 24.06 22.88 17.21
CA PRO A 102 23.52 23.31 18.51
C PRO A 102 22.19 22.64 18.87
N GLY A 103 21.50 22.09 17.88
CA GLY A 103 20.15 21.57 18.08
C GLY A 103 20.09 20.07 18.16
N ARG A 104 19.32 19.47 17.25
CA ARG A 104 18.96 18.06 17.34
C ARG A 104 19.56 17.23 16.20
N VAL A 105 19.55 15.92 16.37
CA VAL A 105 19.85 14.99 15.29
C VAL A 105 18.67 14.04 15.09
N SER A 106 18.33 13.76 13.82
CA SER A 106 17.32 12.77 13.50
C SER A 106 17.98 11.43 13.21
N THR A 107 17.53 10.41 13.94
CA THR A 107 18.04 9.06 13.83
C THR A 107 16.86 8.16 13.51
N GLU A 108 16.98 7.42 12.41
CA GLU A 108 15.83 6.71 11.85
C GLU A 108 15.68 5.28 12.40
N VAL A 109 14.46 4.96 12.81
CA VAL A 109 14.08 3.60 13.21
C VAL A 109 14.15 2.69 11.99
N ASP A 110 14.77 1.53 12.19
CA ASP A 110 14.80 0.44 11.21
C ASP A 110 13.54 0.41 10.32
N ALA A 111 13.70 0.70 9.04
CA ALA A 111 12.58 0.77 8.08
C ALA A 111 11.89 -0.58 7.87
N ARG A 112 12.61 -1.67 8.16
CA ARG A 112 12.03 -3.03 8.10
C ARG A 112 10.88 -3.19 9.10
N LEU A 113 10.80 -2.28 10.08
CA LEU A 113 9.76 -2.28 11.12
C LEU A 113 8.58 -1.33 10.82
N SER A 114 8.54 -0.79 9.60
CA SER A 114 7.56 0.24 9.21
C SER A 114 6.09 -0.16 9.42
N PHE A 115 5.82 -1.47 9.45
CA PHE A 115 4.44 -1.96 9.58
C PHE A 115 4.21 -2.63 10.93
N ASP A 116 5.09 -2.33 11.88
CA ASP A 116 5.02 -2.92 13.21
C ASP A 116 5.10 -1.81 14.24
N LYS A 117 3.93 -1.41 14.76
CA LYS A 117 3.88 -0.30 15.74
C LYS A 117 4.65 -0.63 17.01
N LYS A 118 4.36 -1.81 17.57
CA LYS A 118 5.02 -2.28 18.79
C LYS A 118 6.55 -2.33 18.67
N ALA A 119 7.05 -2.91 17.58
CA ALA A 119 8.50 -3.03 17.37
C ALA A 119 9.15 -1.67 17.17
N THR A 120 8.44 -0.77 16.48
CA THR A 120 8.92 0.58 16.25
C THR A 120 9.05 1.37 17.58
N VAL A 121 8.04 1.27 18.44
CA VAL A 121 8.10 1.89 19.78
C VAL A 121 9.29 1.35 20.57
N LYS A 122 9.47 0.04 20.57
CA LYS A 122 10.56 -0.60 21.32
C LYS A 122 11.94 -0.22 20.78
N LYS A 123 12.06 -0.17 19.46
CA LYS A 123 13.31 0.26 18.80
C LYS A 123 13.66 1.71 19.16
N ALA A 124 12.67 2.60 19.10
CA ALA A 124 12.86 3.99 19.47
C ALA A 124 13.32 4.14 20.93
N LEU A 125 12.67 3.39 21.83
CA LEU A 125 13.04 3.38 23.24
C LEU A 125 14.48 2.92 23.41
N HIS A 126 14.86 1.88 22.68
CA HIS A 126 16.23 1.37 22.71
C HIS A 126 17.26 2.38 22.20
N ILE A 127 16.98 3.01 21.06
CA ILE A 127 17.86 4.04 20.52
C ILE A 127 18.02 5.17 21.55
N ILE A 128 16.92 5.63 22.13
CA ILE A 128 16.96 6.67 23.14
C ILE A 128 17.83 6.25 24.32
N LYS A 129 17.73 4.98 24.72
CA LYS A 129 18.55 4.44 25.82
C LYS A 129 20.04 4.45 25.48
N LEU A 130 20.37 4.06 24.25
CA LEU A 130 21.76 4.09 23.80
C LEU A 130 22.33 5.51 23.83
N TYR A 131 21.54 6.47 23.37
CA TYR A 131 21.95 7.88 23.46
C TYR A 131 22.19 8.31 24.91
N LYS A 132 21.26 7.97 25.80
CA LYS A 132 21.37 8.28 27.23
C LYS A 132 22.67 7.70 27.80
N ASP A 133 22.99 6.46 27.44
CA ASP A 133 24.24 5.79 27.84
C ASP A 133 25.46 6.52 27.32
N ALA A 134 25.31 7.18 26.17
CA ALA A 134 26.38 7.99 25.59
C ALA A 134 26.41 9.42 26.12
N GLY A 135 25.49 9.74 27.03
CA GLY A 135 25.42 11.06 27.67
C GLY A 135 24.61 12.09 26.91
N VAL A 136 23.73 11.61 26.03
CA VAL A 136 22.87 12.48 25.23
C VAL A 136 21.43 12.43 25.73
N PRO A 137 20.86 13.59 26.09
CA PRO A 137 19.48 13.63 26.58
C PRO A 137 18.49 13.54 25.41
N LYS A 138 17.31 12.98 25.66
CA LYS A 138 16.34 12.71 24.59
C LYS A 138 15.84 13.98 23.89
N GLU A 139 15.98 15.11 24.56
CA GLU A 139 15.57 16.40 23.98
C GLU A 139 16.40 16.80 22.75
N ARG A 140 17.59 16.22 22.61
CA ARG A 140 18.45 16.53 21.48
C ARG A 140 18.28 15.53 20.33
N VAL A 141 17.35 14.58 20.48
CA VAL A 141 17.16 13.53 19.49
C VAL A 141 15.74 13.58 18.91
N LEU A 142 15.65 13.43 17.59
CA LEU A 142 14.37 13.17 16.94
C LEU A 142 14.41 11.76 16.38
N ILE A 143 13.48 10.93 16.83
CA ILE A 143 13.38 9.58 16.32
C ILE A 143 12.57 9.63 15.01
N LYS A 144 13.21 9.19 13.94
CA LYS A 144 12.67 9.32 12.60
C LYS A 144 11.94 8.04 12.19
N ILE A 145 10.68 8.18 11.77
CA ILE A 145 9.79 7.03 11.55
C ILE A 145 9.02 7.18 10.23
N ALA A 146 8.93 6.11 9.45
CA ALA A 146 8.19 6.16 8.20
C ALA A 146 6.70 6.40 8.51
N SER A 147 6.07 7.26 7.71
CA SER A 147 4.70 7.72 7.94
C SER A 147 3.61 6.75 7.44
N THR A 148 3.76 5.47 7.77
CA THR A 148 2.70 4.48 7.59
C THR A 148 1.70 4.70 8.71
N TRP A 149 0.54 4.03 8.63
CA TRP A 149 -0.41 4.07 9.74
C TRP A 149 0.27 3.63 11.03
N GLU A 150 0.98 2.52 10.99
CA GLU A 150 1.67 1.96 12.17
C GLU A 150 2.73 2.92 12.72
N GLY A 151 3.49 3.55 11.83
CA GLY A 151 4.51 4.52 12.22
C GLY A 151 3.93 5.73 12.91
N ILE A 152 2.82 6.25 12.36
CA ILE A 152 2.14 7.40 12.96
C ILE A 152 1.62 7.06 14.36
N GLN A 153 0.98 5.90 14.51
CA GLN A 153 0.50 5.45 15.82
C GLN A 153 1.65 5.20 16.80
N ALA A 154 2.78 4.68 16.30
CA ALA A 154 3.97 4.53 17.13
C ALA A 154 4.46 5.86 17.66
N ALA A 155 4.55 6.86 16.78
CA ALA A 155 4.95 8.21 17.15
C ALA A 155 3.99 8.81 18.17
N ARG A 156 2.69 8.59 17.94
CA ARG A 156 1.65 9.05 18.85
C ARG A 156 1.92 8.57 20.29
N GLU A 157 2.22 7.28 20.43
CA GLU A 157 2.56 6.69 21.73
C GLU A 157 3.86 7.26 22.31
N LEU A 158 4.92 7.28 21.48
CA LEU A 158 6.22 7.74 21.94
C LEU A 158 6.19 9.16 22.48
N GLU A 159 5.50 10.05 21.76
CA GLU A 159 5.37 11.44 22.15
C GLU A 159 4.63 11.61 23.48
N VAL A 160 3.42 11.04 23.57
CA VAL A 160 2.57 11.25 24.74
C VAL A 160 2.95 10.38 25.95
N LYS A 161 3.29 9.12 25.70
CA LYS A 161 3.64 8.21 26.79
C LYS A 161 5.08 8.36 27.30
N HIS A 162 6.03 8.61 26.38
CA HIS A 162 7.45 8.59 26.76
C HIS A 162 8.15 9.93 26.65
N GLY A 163 7.51 10.92 26.06
CA GLY A 163 8.13 12.22 25.85
C GLY A 163 9.29 12.11 24.87
N ILE A 164 9.18 11.16 23.94
CA ILE A 164 10.18 10.99 22.90
C ILE A 164 9.71 11.69 21.63
N HIS A 165 10.54 12.63 21.16
CA HIS A 165 10.21 13.49 20.03
C HIS A 165 10.50 12.78 18.72
N CYS A 166 9.52 12.85 17.82
CA CYS A 166 9.59 12.10 16.57
C CYS A 166 9.59 13.02 15.35
N ASN A 167 10.25 12.54 14.29
CA ASN A 167 10.31 13.19 12.99
C ASN A 167 9.65 12.23 12.00
N MET A 168 8.48 12.61 11.49
CA MET A 168 7.73 11.74 10.59
C MET A 168 8.21 11.90 9.15
N THR A 169 8.80 10.84 8.61
CA THR A 169 9.41 10.89 7.28
C THR A 169 8.63 10.07 6.24
N LEU A 170 9.14 10.01 5.00
CA LEU A 170 8.43 9.38 3.88
C LEU A 170 6.98 9.85 3.86
N LEU A 171 6.83 11.17 3.95
CA LEU A 171 5.54 11.81 3.99
C LEU A 171 5.27 12.49 2.66
N PHE A 172 4.24 12.02 1.96
CA PHE A 172 3.98 12.44 0.59
C PHE A 172 2.57 13.02 0.42
N SER A 173 1.75 12.93 1.47
CA SER A 173 0.35 13.34 1.31
C SER A 173 -0.16 14.20 2.45
N PHE A 174 -1.15 15.03 2.11
CA PHE A 174 -1.91 15.80 3.06
C PHE A 174 -2.54 14.87 4.11
N THR A 175 -3.05 13.73 3.67
CA THR A 175 -3.65 12.72 4.55
C THR A 175 -2.70 12.27 5.68
N GLN A 176 -1.48 11.91 5.30
CA GLN A 176 -0.45 11.61 6.30
C GLN A 176 -0.17 12.80 7.22
N ALA A 177 -0.10 14.00 6.64
CA ALA A 177 0.24 15.19 7.43
C ALA A 177 -0.86 15.51 8.45
N VAL A 178 -2.12 15.34 8.06
CA VAL A 178 -3.23 15.56 9.00
C VAL A 178 -3.10 14.59 10.18
N ALA A 179 -2.97 13.30 9.88
CA ALA A 179 -2.84 12.29 10.93
C ALA A 179 -1.68 12.62 11.88
N CYS A 180 -0.53 13.02 11.32
CA CYS A 180 0.66 13.39 12.13
C CYS A 180 0.41 14.57 13.08
N ALA A 181 -0.26 15.60 12.58
CA ALA A 181 -0.62 16.76 13.40
C ALA A 181 -1.53 16.34 14.56
N GLU A 182 -2.53 15.52 14.27
CA GLU A 182 -3.45 15.03 15.30
C GLU A 182 -2.74 14.13 16.32
N ALA A 183 -1.71 13.42 15.87
CA ALA A 183 -0.93 12.57 16.76
C ALA A 183 0.06 13.36 17.64
N ASN A 184 0.07 14.68 17.49
CA ASN A 184 0.94 15.60 18.24
C ASN A 184 2.43 15.29 18.07
N VAL A 185 2.83 14.92 16.85
CA VAL A 185 4.23 14.62 16.59
C VAL A 185 5.05 15.92 16.58
N THR A 186 6.31 15.82 16.98
CA THR A 186 7.14 17.02 17.07
C THR A 186 7.38 17.70 15.71
N LEU A 187 7.64 16.88 14.69
CA LEU A 187 8.07 17.40 13.41
C LEU A 187 7.69 16.45 12.29
N ILE A 188 7.36 17.03 11.13
CA ILE A 188 7.14 16.24 9.92
C ILE A 188 8.14 16.63 8.85
N SER A 189 8.49 15.68 7.99
CA SER A 189 9.39 15.94 6.87
C SER A 189 8.72 15.62 5.54
N PRO A 190 7.85 16.53 5.05
CA PRO A 190 7.24 16.29 3.74
C PRO A 190 8.27 16.36 2.61
N PHE A 191 8.21 15.38 1.71
CA PHE A 191 9.15 15.27 0.60
C PHE A 191 8.67 16.13 -0.54
N VAL A 192 9.53 16.99 -1.05
CA VAL A 192 9.17 17.86 -2.17
C VAL A 192 9.50 17.17 -3.48
N GLY A 193 10.74 16.70 -3.60
CA GLY A 193 11.27 16.22 -4.88
C GLY A 193 10.63 14.95 -5.40
N ARG A 194 10.36 14.00 -4.51
CA ARG A 194 9.79 12.71 -4.89
C ARG A 194 8.34 12.83 -5.36
N ILE A 195 7.60 13.78 -4.78
CA ILE A 195 6.26 14.11 -5.25
C ILE A 195 6.31 14.60 -6.70
N MET A 196 7.21 15.54 -6.95
CA MET A 196 7.42 16.09 -8.28
C MET A 196 7.84 14.99 -9.27
N ASP A 197 8.71 14.07 -8.82
CA ASP A 197 9.19 12.96 -9.65
C ASP A 197 8.05 12.14 -10.26
N PHE A 198 7.03 11.85 -9.45
CA PHE A 198 5.89 11.05 -9.88
C PHE A 198 5.07 11.73 -10.96
N TYR A 199 4.74 13.00 -10.75
CA TYR A 199 3.89 13.73 -11.67
C TYR A 199 4.65 14.21 -12.90
N LYS A 200 5.96 14.38 -12.75
CA LYS A 200 6.86 14.61 -13.89
C LYS A 200 6.79 13.46 -14.88
N ALA A 201 6.96 12.23 -14.39
CA ALA A 201 6.88 11.03 -15.24
C ALA A 201 5.49 10.83 -15.86
N LEU A 202 4.45 11.18 -15.10
CA LEU A 202 3.08 11.11 -15.60
C LEU A 202 2.77 12.35 -16.43
N ASP A 206 9.42 18.51 -16.51
CA ASP A 206 9.60 19.13 -15.20
C ASP A 206 8.71 20.36 -15.11
N TYR A 207 8.80 21.07 -13.98
CA TYR A 207 7.88 22.16 -13.67
C TYR A 207 8.58 23.46 -13.33
N THR A 208 7.84 24.56 -13.38
CA THR A 208 8.24 25.79 -12.71
C THR A 208 7.95 25.60 -11.22
N ALA A 209 8.60 26.41 -10.37
CA ALA A 209 8.47 26.29 -8.92
C ALA A 209 7.04 26.55 -8.42
N GLU A 210 6.34 27.46 -9.10
CA GLU A 210 4.94 27.80 -8.79
C GLU A 210 3.98 26.63 -9.06
N THR A 211 4.32 25.78 -10.02
CA THR A 211 3.45 24.69 -10.47
C THR A 211 3.90 23.33 -9.95
N ASP A 212 5.11 23.28 -9.39
CA ASP A 212 5.70 22.06 -8.83
C ASP A 212 4.72 21.42 -7.83
N PRO A 213 4.23 20.19 -8.13
CA PRO A 213 3.29 19.49 -7.26
C PRO A 213 3.83 19.26 -5.84
N GLY A 214 5.15 19.05 -5.71
CA GLY A 214 5.78 18.89 -4.41
C GLY A 214 5.70 20.18 -3.60
N VAL A 215 6.04 21.29 -4.25
CA VAL A 215 5.94 22.62 -3.64
C VAL A 215 4.50 22.93 -3.22
N LEU A 216 3.56 22.66 -4.13
CA LEU A 216 2.14 22.90 -3.84
C LEU A 216 1.65 22.05 -2.68
N SER A 217 2.10 20.80 -2.62
CA SER A 217 1.72 19.89 -1.54
C SER A 217 2.22 20.39 -0.17
N VAL A 218 3.50 20.77 -0.10
CA VAL A 218 4.08 21.28 1.14
C VAL A 218 3.39 22.58 1.57
N LYS A 219 3.09 23.45 0.59
CA LYS A 219 2.35 24.69 0.89
C LYS A 219 0.99 24.39 1.49
N LYS A 220 0.30 23.40 0.94
CA LYS A 220 -1.02 23.00 1.46
C LYS A 220 -0.93 22.53 2.92
N ILE A 221 0.08 21.69 3.19
CA ILE A 221 0.31 21.16 4.52
C ILE A 221 0.66 22.27 5.50
N TYR A 222 1.58 23.16 5.09
CA TYR A 222 1.99 24.31 5.92
C TYR A 222 0.81 25.21 6.26
N SER A 223 0.05 25.61 5.24
CA SER A 223 -1.14 26.44 5.42
C SER A 223 -2.14 25.86 6.41
N TYR A 224 -2.37 24.55 6.30
CA TYR A 224 -3.29 23.82 7.18
C TYR A 224 -2.83 23.87 8.64
N TYR A 225 -1.55 23.53 8.86
CA TYR A 225 -0.96 23.52 10.19
C TYR A 225 -1.06 24.89 10.85
N LYS A 226 -0.73 25.94 10.09
CA LYS A 226 -0.73 27.30 10.63
C LYS A 226 -2.14 27.82 10.88
N ARG A 227 -3.08 27.50 9.99
CA ARG A 227 -4.47 27.92 10.16
C ARG A 227 -5.07 27.35 11.44
N HIS A 228 -4.87 26.06 11.63
CA HIS A 228 -5.50 25.36 12.74
C HIS A 228 -4.68 25.33 14.03
N GLY A 229 -3.50 25.93 13.97
CA GLY A 229 -2.69 26.10 15.18
C GLY A 229 -1.97 24.87 15.67
N TYR A 230 -1.68 23.94 14.75
CA TYR A 230 -0.85 22.78 15.10
C TYR A 230 0.60 23.20 15.34
N ALA A 231 1.18 22.67 16.42
CA ALA A 231 2.52 23.03 16.88
C ALA A 231 3.64 22.22 16.20
N THR A 232 3.25 21.15 15.52
CA THR A 232 4.17 20.33 14.74
C THR A 232 5.00 21.16 13.75
N GLU A 233 6.33 21.01 13.82
CA GLU A 233 7.23 21.68 12.89
C GLU A 233 7.16 21.08 11.49
N VAL A 234 7.23 21.93 10.48
CA VAL A 234 7.25 21.46 9.09
C VAL A 234 8.68 21.59 8.55
N MET A 235 9.28 20.46 8.21
CA MET A 235 10.61 20.46 7.63
C MET A 235 10.57 19.93 6.22
N ALA A 236 10.56 20.83 5.24
CA ALA A 236 10.63 20.40 3.84
C ALA A 236 11.91 19.63 3.60
N ALA A 237 11.76 18.51 2.88
CA ALA A 237 12.84 17.57 2.63
C ALA A 237 12.83 17.11 1.18
N SER A 238 13.90 16.41 0.79
CA SER A 238 14.04 15.82 -0.55
C SER A 238 13.98 16.86 -1.67
N PHE A 239 14.85 17.86 -1.60
CA PHE A 239 14.92 18.90 -2.63
C PHE A 239 15.66 18.45 -3.89
N ARG A 240 15.09 18.76 -5.06
CA ARG A 240 15.67 18.39 -6.35
C ARG A 240 16.52 19.52 -6.94
N ASN A 241 16.21 20.75 -6.53
CA ASN A 241 16.79 21.94 -7.14
C ASN A 241 16.56 23.14 -6.23
N LEU A 242 17.24 24.25 -6.53
CA LEU A 242 17.11 25.43 -5.70
C LEU A 242 15.83 26.23 -5.97
N ASP A 243 15.16 25.95 -7.10
CA ASP A 243 13.88 26.60 -7.39
C ASP A 243 12.78 26.15 -6.44
N GLU A 244 12.79 24.87 -6.10
CA GLU A 244 11.88 24.33 -5.07
C GLU A 244 12.14 24.99 -3.72
N LEU A 245 13.42 25.06 -3.34
CA LEU A 245 13.86 25.70 -2.10
C LEU A 245 13.46 27.17 -2.04
N LYS A 246 13.73 27.91 -3.12
CA LYS A 246 13.42 29.34 -3.17
C LYS A 246 11.92 29.61 -3.03
N ALA A 247 11.11 28.73 -3.61
CA ALA A 247 9.65 28.81 -3.51
C ALA A 247 9.10 28.58 -2.09
N LEU A 248 9.85 27.87 -1.26
CA LEU A 248 9.40 27.54 0.09
C LEU A 248 10.12 28.31 1.19
N ALA A 249 11.00 29.24 0.79
CA ALA A 249 11.73 30.06 1.75
C ALA A 249 10.76 30.68 2.76
N GLY A 250 11.07 30.52 4.04
CA GLY A 250 10.22 30.98 5.14
C GLY A 250 9.59 29.84 5.92
N ILE A 251 9.51 28.66 5.30
CA ILE A 251 9.02 27.46 5.99
C ILE A 251 9.88 27.16 7.22
N ASP A 252 9.29 26.53 8.24
CA ASP A 252 9.94 26.32 9.54
C ASP A 252 11.39 25.85 9.45
N ASN A 253 11.58 24.71 8.77
CA ASN A 253 12.89 24.08 8.56
C ASN A 253 13.01 23.57 7.14
N MET A 254 14.24 23.46 6.64
CA MET A 254 14.54 22.68 5.45
C MET A 254 15.75 21.82 5.76
N THR A 255 15.67 20.53 5.43
CA THR A 255 16.85 19.68 5.48
C THR A 255 17.41 19.51 4.07
N LEU A 256 18.73 19.70 3.95
CA LEU A 256 19.37 19.84 2.65
C LEU A 256 20.64 19.00 2.55
N PRO A 257 20.86 18.38 1.38
CA PRO A 257 22.08 17.62 1.15
C PRO A 257 23.27 18.57 1.03
N LEU A 258 24.46 18.04 1.24
CA LEU A 258 25.69 18.84 1.22
C LEU A 258 25.89 19.62 -0.07
N ASN A 259 25.52 19.03 -1.21
CA ASN A 259 25.72 19.72 -2.51
C ASN A 259 24.88 21.00 -2.61
N LEU A 260 23.63 20.94 -2.15
CA LEU A 260 22.76 22.09 -2.16
C LEU A 260 23.15 23.13 -1.10
N LEU A 261 23.62 22.66 0.06
CA LEU A 261 24.17 23.57 1.06
C LEU A 261 25.36 24.34 0.48
N GLU A 262 26.25 23.64 -0.20
CA GLU A 262 27.40 24.29 -0.85
C GLU A 262 26.98 25.32 -1.91
N GLN A 263 25.94 25.01 -2.69
CA GLN A 263 25.43 25.95 -3.68
C GLN A 263 24.89 27.23 -3.04
N LEU A 264 24.20 27.08 -1.90
CA LEU A 264 23.71 28.23 -1.14
C LEU A 264 24.84 29.00 -0.47
N TYR A 265 25.82 28.27 0.05
CA TYR A 265 26.99 28.84 0.71
C TYR A 265 27.82 29.73 -0.22
N GLU A 266 28.04 29.27 -1.44
CA GLU A 266 28.94 29.93 -2.40
C GLU A 266 28.31 31.10 -3.14
N SER A 267 26.97 31.17 -3.12
CA SER A 267 26.22 32.10 -3.94
C SER A 267 25.78 33.34 -3.17
N THR A 268 25.50 34.42 -3.91
CA THR A 268 24.86 35.61 -3.34
C THR A 268 23.50 35.85 -3.99
N ASP A 269 23.04 34.90 -4.81
CA ASP A 269 21.72 34.97 -5.43
C ASP A 269 20.60 35.19 -4.40
N PRO A 270 19.64 36.07 -4.73
CA PRO A 270 18.64 36.47 -3.74
C PRO A 270 17.69 35.35 -3.32
N ILE A 271 17.41 35.30 -2.02
CA ILE A 271 16.36 34.44 -1.47
C ILE A 271 15.58 35.30 -0.47
N GLU A 272 14.28 35.42 -0.69
CA GLU A 272 13.40 36.20 0.17
C GLU A 272 12.27 35.35 0.71
N ASN A 273 11.65 35.80 1.80
CA ASN A 273 10.52 35.11 2.40
C ASN A 273 9.38 34.90 1.39
N LYS A 274 8.92 33.66 1.30
CA LYS A 274 7.76 33.30 0.49
C LYS A 274 6.63 32.77 1.37
N LEU A 275 6.99 31.99 2.38
CA LEU A 275 6.03 31.37 3.29
C LEU A 275 6.13 31.98 4.68
N ASN A 276 4.99 32.37 5.23
CA ASN A 276 4.91 32.79 6.63
C ASN A 276 3.54 32.45 7.24
N SER A 277 3.52 32.26 8.55
CA SER A 277 2.33 31.75 9.24
C SER A 277 1.11 32.65 9.05
N GLU A 278 1.30 33.95 9.18
CA GLU A 278 0.20 34.91 9.08
C GLU A 278 -0.41 34.97 7.69
N SER A 279 0.42 34.86 6.66
CA SER A 279 -0.04 34.82 5.29
C SER A 279 -0.71 33.47 4.95
N ALA A 280 -0.03 32.38 5.32
CA ALA A 280 -0.46 31.03 4.94
C ALA A 280 -1.76 30.57 5.60
N LYS A 281 -2.03 31.06 6.81
CA LYS A 281 -3.28 30.77 7.53
C LYS A 281 -4.51 30.89 6.64
N GLU A 282 -4.51 31.91 5.79
CA GLU A 282 -5.67 32.24 4.96
C GLU A 282 -5.90 31.22 3.83
N GLU A 283 -4.90 30.40 3.54
CA GLU A 283 -5.01 29.41 2.47
C GLU A 283 -5.38 28.02 3.00
N GLY A 284 -5.30 27.84 4.32
CA GLY A 284 -5.50 26.53 4.94
C GLY A 284 -6.90 26.00 4.64
N VAL A 285 -6.99 24.74 4.28
CA VAL A 285 -8.30 24.12 4.02
C VAL A 285 -9.01 23.81 5.33
N GLU A 286 -10.31 23.51 5.25
CA GLU A 286 -11.12 23.21 6.41
C GLU A 286 -10.60 21.97 7.14
N LYS A 287 -10.76 21.98 8.47
CA LYS A 287 -10.28 20.91 9.33
C LYS A 287 -10.94 19.58 9.02
N VAL A 288 -10.11 18.54 8.94
CA VAL A 288 -10.56 17.16 8.75
C VAL A 288 -9.85 16.29 9.80
N SER A 289 -10.18 15.00 9.84
CA SER A 289 -9.63 14.13 10.86
C SER A 289 -9.40 12.70 10.36
N PHE A 290 -8.29 12.10 10.78
CA PHE A 290 -7.91 10.74 10.39
C PHE A 290 -7.39 9.86 11.53
N ILE A 291 -6.79 10.47 12.55
CA ILE A 291 -6.01 9.73 13.55
C ILE A 291 -6.80 8.65 14.30
N ASN A 292 -8.12 8.81 14.36
CA ASN A 292 -8.98 7.91 15.11
C ASN A 292 -9.75 6.90 14.25
N ASP A 293 -9.51 6.91 12.94
CA ASP A 293 -10.25 6.06 12.02
C ASP A 293 -9.30 5.36 11.04
N GLU A 294 -8.80 4.19 11.44
CA GLU A 294 -7.85 3.44 10.62
C GLU A 294 -8.37 3.11 9.20
N PRO A 295 -9.58 2.54 9.07
CA PRO A 295 -10.09 2.23 7.71
C PRO A 295 -10.18 3.45 6.80
N HIS A 296 -10.59 4.58 7.38
CA HIS A 296 -10.76 5.82 6.61
C HIS A 296 -9.41 6.39 6.15
N PHE A 297 -8.43 6.41 7.06
CA PHE A 297 -7.05 6.77 6.69
C PHE A 297 -6.53 5.88 5.55
N ARG A 298 -6.66 4.56 5.69
CA ARG A 298 -6.12 3.63 4.71
C ARG A 298 -6.79 3.78 3.35
N TYR A 299 -8.10 3.96 3.36
CA TYR A 299 -8.84 4.17 2.12
C TYR A 299 -8.43 5.46 1.40
N VAL A 300 -8.42 6.57 2.14
CA VAL A 300 -8.10 7.86 1.55
C VAL A 300 -6.64 7.88 1.07
N LEU A 301 -5.73 7.33 1.87
CA LEU A 301 -4.33 7.26 1.43
C LEU A 301 -4.20 6.43 0.16
N ASN A 302 -4.92 5.31 0.10
CA ASN A 302 -4.90 4.46 -1.09
C ASN A 302 -5.41 5.15 -2.35
N GLU A 303 -6.31 6.12 -2.17
CA GLU A 303 -6.82 6.88 -3.30
C GLU A 303 -5.75 7.83 -3.87
N ASP A 304 -4.72 8.10 -3.08
CA ASP A 304 -3.56 8.87 -3.51
C ASP A 304 -2.51 7.91 -4.06
N GLN A 305 -2.54 7.65 -5.37
CA GLN A 305 -1.62 6.70 -6.00
C GLN A 305 -0.16 7.10 -5.78
N MET A 306 0.15 8.37 -6.00
CA MET A 306 1.51 8.89 -5.82
C MET A 306 2.03 8.59 -4.42
N ALA A 307 1.26 8.98 -3.40
CA ALA A 307 1.71 8.84 -2.02
C ALA A 307 1.88 7.39 -1.62
N THR A 308 0.91 6.55 -2.02
CA THR A 308 0.96 5.12 -1.74
C THR A 308 2.20 4.48 -2.38
N GLU A 309 2.41 4.77 -3.66
CA GLU A 309 3.55 4.20 -4.40
C GLU A 309 4.92 4.68 -3.88
N LYS A 310 5.03 5.97 -3.58
CA LYS A 310 6.28 6.54 -3.06
C LYS A 310 6.62 6.09 -1.63
N LEU A 311 5.59 5.99 -0.79
CA LEU A 311 5.76 5.45 0.57
C LEU A 311 6.22 4.00 0.50
N SER A 312 5.50 3.19 -0.28
CA SER A 312 5.84 1.79 -0.46
C SER A 312 7.28 1.63 -0.96
N ASP A 313 7.65 2.42 -1.98
CA ASP A 313 9.00 2.33 -2.55
C ASP A 313 10.09 2.84 -1.61
N GLY A 314 9.79 3.88 -0.85
CA GLY A 314 10.75 4.45 0.12
C GLY A 314 11.12 3.45 1.19
N ILE A 315 10.11 2.70 1.65
CA ILE A 315 10.32 1.63 2.63
C ILE A 315 11.23 0.54 2.06
N ARG A 316 10.97 0.10 0.84
CA ARG A 316 11.83 -0.90 0.19
C ARG A 316 13.27 -0.40 0.00
N LYS A 317 13.41 0.85 -0.43
CA LYS A 317 14.73 1.44 -0.65
C LYS A 317 15.53 1.53 0.64
N PHE A 318 14.93 2.07 1.69
CA PHE A 318 15.62 2.17 2.97
C PHE A 318 15.89 0.80 3.58
N SER A 319 14.98 -0.15 3.38
CA SER A 319 15.20 -1.53 3.83
C SER A 319 16.41 -2.16 3.14
N ALA A 320 16.56 -1.89 1.83
CA ALA A 320 17.74 -2.34 1.08
C ALA A 320 19.05 -1.71 1.60
N ASP A 321 18.98 -0.46 2.04
CA ASP A 321 20.15 0.24 2.59
C ASP A 321 20.55 -0.34 3.94
N ILE A 322 19.56 -0.76 4.72
CA ILE A 322 19.80 -1.41 6.01
C ILE A 322 20.42 -2.80 5.79
N GLU A 323 19.90 -3.54 4.82
CA GLU A 323 20.49 -4.84 4.47
C GLU A 323 21.94 -4.69 3.97
N ALA A 324 22.21 -3.64 3.19
CA ALA A 324 23.58 -3.32 2.78
C ALA A 324 24.48 -2.99 3.98
N LEU A 325 23.94 -2.24 4.94
CA LEU A 325 24.70 -1.96 6.17
C LEU A 325 24.98 -3.24 6.96
N TYR A 326 23.99 -4.12 7.01
CA TYR A 326 24.12 -5.42 7.70
C TYR A 326 25.32 -6.19 7.13
N LYS A 327 25.40 -6.26 5.80
CA LYS A 327 26.50 -6.96 5.14
C LYS A 327 27.85 -6.29 5.37
N LEU A 328 27.88 -4.97 5.35
CA LEU A 328 29.10 -4.22 5.68
C LEU A 328 29.58 -4.55 7.09
N VAL A 329 28.64 -4.55 8.05
CA VAL A 329 28.93 -4.88 9.45
C VAL A 329 29.35 -6.36 9.59
N GLU A 330 28.66 -7.26 8.89
CA GLU A 330 29.02 -8.69 8.90
C GLU A 330 30.50 -8.89 8.55
N GLU A 331 30.94 -8.21 7.48
CA GLU A 331 32.33 -8.27 7.03
C GLU A 331 33.32 -7.79 8.09
N LYS A 332 33.01 -6.65 8.73
CA LYS A 332 33.86 -6.09 9.80
C LYS A 332 33.86 -6.95 11.06
N MET A 333 32.68 -7.46 11.43
CA MET A 333 32.50 -8.33 12.59
C MET A 333 33.38 -9.56 12.45
N LEU A 334 33.46 -10.06 11.22
CA LEU A 334 34.26 -11.23 10.89
C LEU A 334 35.76 -10.89 11.06
N GLU A 335 36.16 -9.72 10.57
CA GLU A 335 37.54 -9.22 10.72
C GLU A 335 37.93 -9.08 12.18
N HIS A 336 37.00 -8.58 13.00
CA HIS A 336 37.20 -8.46 14.45
C HIS A 336 37.41 -9.83 15.09
N HIS A 337 36.53 -10.78 14.79
CA HIS A 337 36.63 -12.15 15.33
C HIS A 337 37.96 -12.81 14.94
N HIS A 338 38.35 -12.65 13.68
CA HIS A 338 39.55 -13.27 13.12
C HIS A 338 40.83 -12.62 13.60
N HIS A 339 40.80 -11.29 13.74
CA HIS A 339 41.98 -10.52 14.11
C HIS A 339 41.75 -9.77 15.43
N ALA B 12 -16.76 -32.46 -33.97
CA ALA B 12 -15.91 -31.24 -34.08
C ALA B 12 -15.81 -30.53 -32.72
N THR B 13 -15.10 -31.17 -31.79
CA THR B 13 -15.00 -30.71 -30.40
C THR B 13 -14.33 -29.35 -30.27
N SER B 14 -15.10 -28.39 -29.75
CA SER B 14 -14.65 -27.01 -29.60
C SER B 14 -13.49 -26.92 -28.59
N SER B 15 -12.72 -25.85 -28.70
CA SER B 15 -11.68 -25.55 -27.70
C SER B 15 -12.27 -25.45 -26.29
N LEU B 16 -13.43 -24.82 -26.17
CA LEU B 16 -14.15 -24.70 -24.90
C LEU B 16 -14.38 -26.06 -24.24
N GLU B 17 -14.88 -27.02 -25.02
CA GLU B 17 -15.15 -28.37 -24.51
C GLU B 17 -13.87 -29.11 -24.12
N GLN B 18 -12.80 -28.88 -24.88
CA GLN B 18 -11.52 -29.49 -24.59
C GLN B 18 -10.94 -28.95 -23.29
N LEU B 19 -11.17 -27.67 -23.01
CA LEU B 19 -10.77 -27.07 -21.75
C LEU B 19 -11.42 -27.79 -20.57
N LYS B 20 -12.72 -28.06 -20.69
CA LYS B 20 -13.47 -28.80 -19.66
C LYS B 20 -12.94 -30.22 -19.53
N LYS B 21 -12.70 -30.84 -20.67
CA LYS B 21 -12.13 -32.19 -20.71
C LYS B 21 -10.73 -32.24 -20.11
N ALA B 22 -9.99 -31.15 -20.22
CA ALA B 22 -8.66 -31.02 -19.60
C ALA B 22 -8.73 -30.93 -18.07
N GLY B 23 -9.93 -30.78 -17.52
CA GLY B 23 -10.16 -30.80 -16.07
C GLY B 23 -10.46 -29.45 -15.45
N THR B 24 -10.68 -28.44 -16.28
CA THR B 24 -10.98 -27.09 -15.79
C THR B 24 -12.48 -26.78 -15.85
N HIS B 25 -13.04 -26.37 -14.71
CA HIS B 25 -14.39 -25.80 -14.68
C HIS B 25 -14.42 -24.40 -15.25
N VAL B 26 -15.35 -24.18 -16.17
CA VAL B 26 -15.50 -22.91 -16.86
C VAL B 26 -16.49 -22.01 -16.13
N VAL B 27 -16.05 -20.80 -15.82
CA VAL B 27 -16.86 -19.83 -15.10
C VAL B 27 -17.02 -18.60 -15.99
N ALA B 28 -18.26 -18.11 -16.10
CA ALA B 28 -18.54 -16.95 -16.96
C ALA B 28 -18.43 -15.65 -16.19
N ASP B 29 -17.51 -14.80 -16.63
CA ASP B 29 -17.29 -13.49 -16.02
C ASP B 29 -18.13 -12.46 -16.75
N SER B 30 -19.37 -12.27 -16.29
CA SER B 30 -20.30 -11.36 -16.94
C SER B 30 -21.56 -11.12 -16.11
N GLY B 31 -22.12 -9.92 -16.24
CA GLY B 31 -23.45 -9.62 -15.72
C GLY B 31 -24.56 -9.85 -16.74
N ASP B 32 -24.17 -10.09 -17.99
CA ASP B 32 -25.10 -10.31 -19.10
C ASP B 32 -25.58 -11.77 -19.08
N PHE B 33 -26.47 -12.09 -18.14
CA PHE B 33 -26.86 -13.48 -17.88
C PHE B 33 -27.58 -14.19 -19.02
N GLU B 34 -28.21 -13.40 -19.90
CA GLU B 34 -28.90 -13.95 -21.07
C GLU B 34 -27.92 -14.44 -22.12
N ALA B 35 -26.67 -14.01 -22.00
CA ALA B 35 -25.65 -14.33 -22.98
C ALA B 35 -24.79 -15.55 -22.62
N ILE B 36 -24.90 -16.01 -21.37
CA ILE B 36 -23.94 -16.99 -20.84
C ILE B 36 -24.26 -18.48 -21.04
N SER B 37 -25.55 -18.82 -21.17
CA SER B 37 -26.00 -20.23 -21.21
C SER B 37 -25.38 -21.05 -22.34
N LYS B 38 -25.11 -20.38 -23.45
CA LYS B 38 -24.48 -20.93 -24.63
C LYS B 38 -23.21 -21.71 -24.29
N TYR B 39 -22.46 -21.20 -23.32
CA TYR B 39 -21.16 -21.76 -22.95
C TYR B 39 -21.25 -22.83 -21.87
N GLU B 40 -22.44 -23.04 -21.33
CA GLU B 40 -22.66 -23.99 -20.24
C GLU B 40 -21.62 -23.83 -19.13
N PRO B 41 -21.53 -22.62 -18.54
CA PRO B 41 -20.59 -22.44 -17.45
C PRO B 41 -21.11 -23.10 -16.17
N GLN B 42 -20.19 -23.51 -15.31
CA GLN B 42 -20.56 -24.07 -14.01
C GLN B 42 -20.98 -22.98 -13.01
N ASP B 43 -20.12 -21.97 -12.86
CA ASP B 43 -20.37 -20.82 -12.00
C ASP B 43 -20.38 -19.54 -12.82
N SER B 44 -20.69 -18.45 -12.13
CA SER B 44 -20.65 -17.11 -12.72
C SER B 44 -19.91 -16.16 -11.78
N THR B 45 -19.17 -15.23 -12.35
CA THR B 45 -18.61 -14.12 -11.56
C THR B 45 -19.14 -12.78 -12.03
N THR B 46 -19.37 -11.89 -11.07
CA THR B 46 -19.65 -10.49 -11.34
C THR B 46 -18.67 -9.63 -10.54
N ASN B 47 -18.50 -8.37 -10.96
CA ASN B 47 -17.66 -7.40 -10.26
C ASN B 47 -18.19 -6.01 -10.59
N PRO B 48 -17.69 -4.96 -9.92
CA PRO B 48 -18.17 -3.60 -10.21
C PRO B 48 -18.20 -3.23 -11.70
N SER B 49 -17.12 -3.50 -12.43
CA SER B 49 -17.08 -3.16 -13.86
C SER B 49 -18.19 -3.84 -14.65
N LEU B 50 -18.36 -5.14 -14.43
CA LEU B 50 -19.40 -5.91 -15.14
C LEU B 50 -20.81 -5.52 -14.76
N ILE B 51 -21.02 -5.19 -13.48
CA ILE B 51 -22.34 -4.79 -12.99
C ILE B 51 -22.72 -3.43 -13.59
N LEU B 52 -21.77 -2.50 -13.61
CA LEU B 52 -21.95 -1.22 -14.31
C LEU B 52 -22.36 -1.45 -15.78
N ALA B 53 -21.58 -2.24 -16.50
CA ALA B 53 -21.84 -2.52 -17.92
C ALA B 53 -23.24 -3.08 -18.19
N ALA B 54 -23.62 -4.12 -17.43
CA ALA B 54 -24.92 -4.77 -17.60
C ALA B 54 -26.09 -3.85 -17.20
N SER B 55 -25.87 -3.02 -16.19
CA SER B 55 -26.86 -2.03 -15.74
C SER B 55 -27.17 -0.99 -16.80
N LYS B 56 -26.20 -0.72 -17.67
CA LYS B 56 -26.39 0.22 -18.78
C LYS B 56 -27.16 -0.39 -19.95
N LEU B 57 -27.34 -1.70 -19.95
CA LEU B 57 -28.05 -2.38 -21.05
C LEU B 57 -29.56 -2.28 -20.87
N GLU B 58 -30.25 -1.96 -21.97
CA GLU B 58 -31.68 -1.65 -21.91
C GLU B 58 -32.56 -2.86 -21.67
N LYS B 59 -32.09 -4.04 -22.10
CA LYS B 59 -32.82 -5.30 -21.90
C LYS B 59 -32.93 -5.69 -20.42
N TYR B 60 -32.06 -5.13 -19.58
CA TYR B 60 -32.09 -5.39 -18.15
C TYR B 60 -32.67 -4.22 -17.34
N ALA B 61 -33.44 -3.35 -18.01
CA ALA B 61 -34.05 -2.19 -17.36
C ALA B 61 -35.00 -2.54 -16.22
N ARG B 62 -35.75 -3.63 -16.38
CA ARG B 62 -36.72 -4.07 -15.35
C ARG B 62 -36.05 -4.45 -14.03
N PHE B 63 -34.84 -4.98 -14.11
CA PHE B 63 -34.11 -5.37 -12.90
C PHE B 63 -33.56 -4.14 -12.17
N ILE B 64 -33.08 -3.17 -12.93
CA ILE B 64 -32.64 -1.89 -12.35
C ILE B 64 -33.83 -1.14 -11.75
N ASP B 65 -34.96 -1.14 -12.45
CA ASP B 65 -36.19 -0.51 -11.93
C ASP B 65 -36.62 -1.11 -10.59
N ALA B 66 -36.60 -2.44 -10.52
CA ALA B 66 -36.91 -3.18 -9.29
C ALA B 66 -35.99 -2.80 -8.13
N ALA B 67 -34.70 -2.66 -8.44
CA ALA B 67 -33.69 -2.30 -7.45
C ALA B 67 -33.89 -0.86 -6.96
N VAL B 68 -34.16 0.03 -7.89
CA VAL B 68 -34.44 1.43 -7.57
C VAL B 68 -35.70 1.55 -6.69
N GLU B 69 -36.76 0.84 -7.05
CA GLU B 69 -37.99 0.81 -6.24
C GLU B 69 -37.67 0.31 -4.82
N TYR B 70 -36.83 -0.72 -4.74
CA TYR B 70 -36.38 -1.30 -3.49
C TYR B 70 -35.63 -0.27 -2.62
N GLY B 71 -34.66 0.40 -3.23
CA GLY B 71 -33.91 1.45 -2.54
C GLY B 71 -34.78 2.58 -2.05
N ARG B 72 -35.72 3.00 -2.90
CA ARG B 72 -36.65 4.08 -2.55
C ARG B 72 -37.48 3.71 -1.32
N LYS B 73 -37.86 2.44 -1.22
CA LYS B 73 -38.64 1.94 -0.09
C LYS B 73 -37.83 1.89 1.21
N HIS B 74 -36.57 1.47 1.14
CA HIS B 74 -35.78 1.23 2.34
C HIS B 74 -34.92 2.39 2.83
N GLY B 75 -34.58 3.30 1.94
CA GLY B 75 -33.73 4.43 2.30
C GLY B 75 -34.55 5.65 2.70
N LYS B 76 -33.99 6.48 3.57
CA LYS B 76 -34.62 7.74 3.95
C LYS B 76 -34.01 8.90 3.15
N THR B 77 -32.71 9.13 3.31
CA THR B 77 -32.00 10.10 2.49
C THR B 77 -31.84 9.53 1.08
N ASP B 78 -31.67 10.39 0.09
CA ASP B 78 -31.43 9.93 -1.27
C ASP B 78 -30.18 9.03 -1.30
N HIS B 79 -29.18 9.38 -0.49
CA HIS B 79 -27.95 8.59 -0.39
C HIS B 79 -28.26 7.15 0.05
N GLU B 80 -29.05 7.01 1.10
CA GLU B 80 -29.48 5.68 1.59
C GLU B 80 -30.28 4.91 0.53
N LYS B 81 -31.15 5.62 -0.18
CA LYS B 81 -31.95 5.02 -1.26
C LYS B 81 -31.06 4.46 -2.37
N ILE B 82 -30.09 5.27 -2.78
CA ILE B 82 -29.15 4.89 -3.84
C ILE B 82 -28.28 3.71 -3.40
N GLU B 83 -27.76 3.78 -2.17
CA GLU B 83 -26.91 2.70 -1.65
C GLU B 83 -27.67 1.38 -1.52
N ASN B 84 -28.91 1.43 -1.02
CA ASN B 84 -29.79 0.25 -0.97
C ASN B 84 -30.11 -0.32 -2.34
N ALA B 85 -30.35 0.56 -3.31
CA ALA B 85 -30.61 0.14 -4.70
C ALA B 85 -29.40 -0.58 -5.30
N MET B 86 -28.20 -0.08 -5.00
CA MET B 86 -26.96 -0.70 -5.47
C MET B 86 -26.84 -2.14 -4.96
N ASP B 87 -27.12 -2.33 -3.67
CA ASP B 87 -27.10 -3.67 -3.08
C ASP B 87 -28.07 -4.58 -3.83
N LYS B 88 -29.27 -4.05 -4.07
CA LYS B 88 -30.34 -4.83 -4.69
C LYS B 88 -30.03 -5.17 -6.15
N ILE B 89 -29.34 -4.26 -6.84
CA ILE B 89 -28.89 -4.51 -8.22
C ILE B 89 -27.99 -5.75 -8.26
N LEU B 90 -27.01 -5.80 -7.37
CA LEU B 90 -26.10 -6.95 -7.29
C LEU B 90 -26.88 -8.25 -7.10
N VAL B 91 -27.83 -8.21 -6.16
CA VAL B 91 -28.60 -9.38 -5.76
C VAL B 91 -29.61 -9.77 -6.87
N GLU B 92 -30.20 -8.77 -7.53
CA GLU B 92 -31.10 -9.01 -8.66
C GLU B 92 -30.41 -9.77 -9.80
N PHE B 93 -29.24 -9.28 -10.22
CA PHE B 93 -28.45 -9.95 -11.25
C PHE B 93 -28.01 -11.32 -10.81
N GLY B 94 -27.53 -11.44 -9.57
CA GLY B 94 -27.09 -12.72 -9.01
C GLY B 94 -28.21 -13.76 -8.97
N THR B 95 -29.39 -13.32 -8.54
CA THR B 95 -30.58 -14.18 -8.51
C THR B 95 -30.94 -14.72 -9.91
N GLN B 96 -30.88 -13.86 -10.91
CA GLN B 96 -31.17 -14.28 -12.29
C GLN B 96 -30.10 -15.23 -12.85
N ILE B 97 -28.83 -14.94 -12.55
CA ILE B 97 -27.70 -15.79 -12.93
C ILE B 97 -27.86 -17.22 -12.39
N LEU B 98 -28.31 -17.33 -11.14
CA LEU B 98 -28.48 -18.62 -10.48
C LEU B 98 -29.60 -19.50 -11.06
N LYS B 99 -30.49 -18.89 -11.84
CA LYS B 99 -31.48 -19.65 -12.62
C LYS B 99 -30.84 -20.25 -13.86
N VAL B 100 -29.75 -19.65 -14.31
CA VAL B 100 -29.07 -20.07 -15.54
C VAL B 100 -27.98 -21.10 -15.24
N VAL B 101 -27.11 -20.79 -14.29
CA VAL B 101 -25.99 -21.69 -13.99
C VAL B 101 -26.39 -22.73 -12.95
N PRO B 102 -25.77 -23.94 -13.01
CA PRO B 102 -26.06 -24.94 -11.99
C PRO B 102 -25.33 -24.72 -10.67
N GLY B 103 -24.27 -23.91 -10.69
CA GLY B 103 -23.39 -23.77 -9.54
C GLY B 103 -23.58 -22.48 -8.76
N ARG B 104 -22.53 -21.68 -8.67
CA ARG B 104 -22.50 -20.52 -7.78
C ARG B 104 -22.41 -19.19 -8.53
N VAL B 105 -22.74 -18.10 -7.84
CA VAL B 105 -22.46 -16.75 -8.34
C VAL B 105 -21.59 -15.98 -7.35
N SER B 106 -20.59 -15.28 -7.89
CA SER B 106 -19.75 -14.39 -7.07
C SER B 106 -20.30 -12.98 -7.12
N THR B 107 -20.57 -12.44 -5.93
CA THR B 107 -21.07 -11.07 -5.74
C THR B 107 -20.06 -10.31 -4.89
N GLU B 108 -19.62 -9.16 -5.40
CA GLU B 108 -18.51 -8.46 -4.78
C GLU B 108 -18.96 -7.51 -3.68
N VAL B 109 -18.33 -7.62 -2.52
CA VAL B 109 -18.46 -6.65 -1.43
C VAL B 109 -17.91 -5.31 -1.89
N ASP B 110 -18.69 -4.25 -1.68
CA ASP B 110 -18.26 -2.88 -1.85
C ASP B 110 -16.73 -2.67 -1.68
N ALA B 111 -16.05 -2.38 -2.78
CA ALA B 111 -14.58 -2.21 -2.76
C ALA B 111 -14.13 -1.00 -1.94
N ARG B 112 -15.06 -0.09 -1.65
CA ARG B 112 -14.80 1.07 -0.81
C ARG B 112 -14.55 0.64 0.64
N LEU B 113 -14.91 -0.61 0.97
CA LEU B 113 -14.72 -1.14 2.30
C LEU B 113 -13.48 -2.05 2.42
N SER B 114 -12.61 -2.01 1.42
CA SER B 114 -11.46 -2.94 1.30
C SER B 114 -10.52 -2.91 2.51
N PHE B 115 -10.48 -1.78 3.22
CA PHE B 115 -9.58 -1.64 4.36
C PHE B 115 -10.33 -1.65 5.69
N ASP B 116 -11.55 -2.19 5.66
CA ASP B 116 -12.38 -2.22 6.86
C ASP B 116 -12.92 -3.63 7.08
N LYS B 117 -12.26 -4.40 7.94
CA LYS B 117 -12.66 -5.78 8.19
C LYS B 117 -14.11 -5.85 8.70
N LYS B 118 -14.41 -5.08 9.73
CA LYS B 118 -15.75 -5.08 10.34
C LYS B 118 -16.85 -4.75 9.34
N ALA B 119 -16.67 -3.68 8.56
CA ALA B 119 -17.68 -3.26 7.59
C ALA B 119 -17.83 -4.27 6.45
N THR B 120 -16.73 -4.93 6.09
CA THR B 120 -16.76 -5.98 5.05
C THR B 120 -17.58 -7.20 5.53
N VAL B 121 -17.32 -7.67 6.76
CA VAL B 121 -18.13 -8.72 7.35
C VAL B 121 -19.64 -8.36 7.37
N LYS B 122 -19.95 -7.18 7.89
CA LYS B 122 -21.35 -6.71 7.93
C LYS B 122 -21.99 -6.62 6.55
N LYS B 123 -21.26 -6.12 5.57
CA LYS B 123 -21.76 -6.03 4.20
C LYS B 123 -22.03 -7.40 3.58
N ALA B 124 -21.10 -8.34 3.78
CA ALA B 124 -21.27 -9.70 3.32
C ALA B 124 -22.51 -10.35 3.95
N LEU B 125 -22.71 -10.15 5.25
CA LEU B 125 -23.88 -10.69 5.93
C LEU B 125 -25.16 -10.09 5.36
N HIS B 126 -25.12 -8.79 5.07
CA HIS B 126 -26.27 -8.09 4.47
C HIS B 126 -26.62 -8.66 3.10
N ILE B 127 -25.62 -8.86 2.25
CA ILE B 127 -25.81 -9.40 0.89
C ILE B 127 -26.42 -10.81 0.96
N ILE B 128 -25.89 -11.64 1.87
CA ILE B 128 -26.43 -12.98 2.09
C ILE B 128 -27.89 -12.92 2.56
N LYS B 129 -28.20 -11.99 3.48
CA LYS B 129 -29.60 -11.79 3.91
C LYS B 129 -30.51 -11.38 2.75
N LEU B 130 -30.05 -10.44 1.92
CA LEU B 130 -30.79 -10.03 0.73
C LEU B 130 -31.05 -11.21 -0.22
N TYR B 131 -30.04 -12.07 -0.39
CA TYR B 131 -30.23 -13.29 -1.18
C TYR B 131 -31.27 -14.21 -0.53
N LYS B 132 -31.20 -14.35 0.79
CA LYS B 132 -32.16 -15.19 1.54
C LYS B 132 -33.59 -14.67 1.34
N ASP B 133 -33.76 -13.36 1.42
CA ASP B 133 -35.06 -12.70 1.17
C ASP B 133 -35.58 -13.01 -0.23
N ALA B 134 -34.66 -13.12 -1.20
CA ALA B 134 -35.00 -13.48 -2.58
C ALA B 134 -35.19 -14.99 -2.79
N GLY B 135 -34.98 -15.78 -1.74
CA GLY B 135 -35.18 -17.24 -1.78
C GLY B 135 -33.96 -18.04 -2.19
N VAL B 136 -32.79 -17.40 -2.21
CA VAL B 136 -31.55 -18.06 -2.63
C VAL B 136 -30.80 -18.60 -1.40
N PRO B 137 -30.43 -19.91 -1.43
CA PRO B 137 -29.62 -20.48 -0.36
C PRO B 137 -28.17 -19.98 -0.40
N LYS B 138 -27.60 -19.71 0.77
CA LYS B 138 -26.26 -19.09 0.85
C LYS B 138 -25.13 -19.95 0.27
N GLU B 139 -25.30 -21.27 0.23
CA GLU B 139 -24.28 -22.14 -0.36
C GLU B 139 -24.09 -21.92 -1.85
N ARG B 140 -25.05 -21.28 -2.50
CA ARG B 140 -24.94 -20.95 -3.93
C ARG B 140 -24.25 -19.61 -4.20
N VAL B 141 -23.86 -18.89 -3.14
CA VAL B 141 -23.27 -17.57 -3.27
C VAL B 141 -21.81 -17.57 -2.80
N LEU B 142 -20.95 -16.94 -3.59
CA LEU B 142 -19.61 -16.59 -3.14
C LEU B 142 -19.51 -15.09 -2.94
N ILE B 143 -19.10 -14.69 -1.74
CA ILE B 143 -18.86 -13.27 -1.48
C ILE B 143 -17.43 -12.92 -1.92
N LYS B 144 -17.32 -12.04 -2.90
CA LYS B 144 -16.05 -11.66 -3.49
C LYS B 144 -15.44 -10.48 -2.72
N ILE B 145 -14.19 -10.65 -2.27
CA ILE B 145 -13.53 -9.69 -1.37
C ILE B 145 -12.10 -9.41 -1.82
N ALA B 146 -11.72 -8.14 -1.89
CA ALA B 146 -10.35 -7.78 -2.23
C ALA B 146 -9.37 -8.33 -1.20
N SER B 147 -8.23 -8.85 -1.69
CA SER B 147 -7.28 -9.58 -0.86
C SER B 147 -6.27 -8.68 -0.14
N THR B 148 -6.79 -7.64 0.53
CA THR B 148 -6.01 -6.85 1.51
C THR B 148 -5.89 -7.68 2.79
N TRP B 149 -5.08 -7.22 3.75
CA TRP B 149 -5.04 -7.88 5.06
C TRP B 149 -6.45 -7.91 5.66
N GLU B 150 -7.14 -6.78 5.63
CA GLU B 150 -8.48 -6.63 6.19
C GLU B 150 -9.50 -7.56 5.52
N GLY B 151 -9.43 -7.65 4.18
CA GLY B 151 -10.31 -8.52 3.41
C GLY B 151 -10.13 -9.99 3.73
N ILE B 152 -8.87 -10.41 3.86
CA ILE B 152 -8.53 -11.79 4.18
C ILE B 152 -9.05 -12.14 5.58
N GLN B 153 -8.83 -11.26 6.54
CA GLN B 153 -9.33 -11.48 7.90
C GLN B 153 -10.86 -11.49 7.97
N ALA B 154 -11.48 -10.65 7.14
CA ALA B 154 -12.95 -10.64 7.01
C ALA B 154 -13.45 -11.99 6.49
N ALA B 155 -12.82 -12.47 5.41
CA ALA B 155 -13.13 -13.80 4.85
C ALA B 155 -12.95 -14.92 5.89
N ARG B 156 -11.82 -14.87 6.60
CA ARG B 156 -11.53 -15.82 7.69
C ARG B 156 -12.71 -15.92 8.67
N GLU B 157 -13.25 -14.77 9.08
CA GLU B 157 -14.39 -14.74 10.00
C GLU B 157 -15.69 -15.23 9.34
N LEU B 158 -15.96 -14.75 8.13
CA LEU B 158 -17.16 -15.15 7.40
C LEU B 158 -17.24 -16.66 7.19
N GLU B 159 -16.12 -17.26 6.80
CA GLU B 159 -16.05 -18.71 6.58
C GLU B 159 -16.31 -19.50 7.86
N VAL B 160 -15.55 -19.20 8.91
CA VAL B 160 -15.60 -20.03 10.13
C VAL B 160 -16.74 -19.68 11.10
N LYS B 161 -17.06 -18.40 11.26
CA LYS B 161 -18.12 -17.98 12.16
C LYS B 161 -19.49 -18.09 11.50
N HIS B 162 -19.60 -17.69 10.24
CA HIS B 162 -20.90 -17.56 9.60
C HIS B 162 -21.22 -18.59 8.53
N GLY B 163 -20.25 -19.43 8.20
CA GLY B 163 -20.40 -20.39 7.12
C GLY B 163 -20.73 -19.70 5.80
N ILE B 164 -20.17 -18.50 5.61
CA ILE B 164 -20.34 -17.76 4.37
C ILE B 164 -19.08 -17.92 3.52
N HIS B 165 -19.28 -18.41 2.29
CA HIS B 165 -18.17 -18.74 1.41
C HIS B 165 -17.67 -17.56 0.60
N CYS B 166 -16.35 -17.42 0.54
CA CYS B 166 -15.73 -16.23 -0.06
C CYS B 166 -14.83 -16.56 -1.26
N ASN B 167 -14.76 -15.60 -2.17
CA ASN B 167 -13.94 -15.64 -3.37
C ASN B 167 -12.96 -14.48 -3.22
N MET B 168 -11.69 -14.80 -2.96
CA MET B 168 -10.68 -13.75 -2.76
C MET B 168 -10.09 -13.24 -4.07
N THR B 169 -10.31 -11.96 -4.35
CA THR B 169 -9.96 -11.37 -5.64
C THR B 169 -8.83 -10.33 -5.48
N LEU B 170 -8.44 -9.69 -6.59
CA LEU B 170 -7.27 -8.81 -6.59
C LEU B 170 -6.10 -9.49 -5.88
N LEU B 171 -5.86 -10.74 -6.25
CA LEU B 171 -4.79 -11.54 -5.67
C LEU B 171 -3.65 -11.64 -6.69
N PHE B 172 -2.52 -11.05 -6.33
CA PHE B 172 -1.40 -10.91 -7.25
C PHE B 172 -0.09 -11.56 -6.75
N SER B 173 -0.13 -12.08 -5.53
CA SER B 173 1.09 -12.58 -4.91
C SER B 173 0.91 -13.89 -4.16
N PHE B 174 2.01 -14.64 -4.09
CA PHE B 174 2.10 -15.83 -3.28
C PHE B 174 1.79 -15.53 -1.81
N THR B 175 2.27 -14.39 -1.32
CA THR B 175 1.99 -13.94 0.05
C THR B 175 0.48 -13.89 0.37
N GLN B 176 -0.29 -13.26 -0.51
CA GLN B 176 -1.75 -13.21 -0.35
C GLN B 176 -2.33 -14.62 -0.41
N ALA B 177 -1.86 -15.41 -1.38
CA ALA B 177 -2.34 -16.78 -1.56
C ALA B 177 -2.13 -17.66 -0.32
N VAL B 178 -0.96 -17.52 0.34
CA VAL B 178 -0.69 -18.31 1.55
C VAL B 178 -1.68 -17.94 2.67
N ALA B 179 -1.80 -16.63 2.93
CA ALA B 179 -2.71 -16.14 3.94
C ALA B 179 -4.14 -16.63 3.68
N CYS B 180 -4.58 -16.57 2.42
CA CYS B 180 -5.92 -17.02 2.03
C CYS B 180 -6.14 -18.50 2.34
N ALA B 181 -5.16 -19.34 2.03
CA ALA B 181 -5.24 -20.78 2.31
C ALA B 181 -5.32 -21.07 3.81
N GLU B 182 -4.52 -20.33 4.60
CA GLU B 182 -4.53 -20.46 6.06
C GLU B 182 -5.85 -19.96 6.68
N ALA B 183 -6.49 -19.00 6.00
CA ALA B 183 -7.77 -18.45 6.44
C ALA B 183 -8.95 -19.36 6.10
N ASN B 184 -8.66 -20.48 5.42
CA ASN B 184 -9.68 -21.46 5.01
C ASN B 184 -10.74 -20.88 4.05
N VAL B 185 -10.30 -20.01 3.15
CA VAL B 185 -11.24 -19.41 2.21
C VAL B 185 -11.66 -20.45 1.18
N THR B 186 -12.87 -20.32 0.66
CA THR B 186 -13.41 -21.31 -0.27
C THR B 186 -12.70 -21.31 -1.62
N LEU B 187 -12.43 -20.10 -2.13
CA LEU B 187 -11.87 -19.93 -3.45
C LEU B 187 -10.99 -18.68 -3.53
N ILE B 188 -9.90 -18.78 -4.29
CA ILE B 188 -9.11 -17.61 -4.67
C ILE B 188 -9.16 -17.37 -6.18
N SER B 189 -9.05 -16.10 -6.56
CA SER B 189 -9.02 -15.71 -7.97
C SER B 189 -7.72 -14.98 -8.31
N PRO B 190 -6.61 -15.73 -8.47
CA PRO B 190 -5.34 -15.08 -8.90
C PRO B 190 -5.41 -14.47 -10.30
N PHE B 191 -4.92 -13.23 -10.43
CA PHE B 191 -5.00 -12.52 -11.69
C PHE B 191 -3.77 -12.88 -12.52
N VAL B 192 -3.99 -13.42 -13.71
CA VAL B 192 -2.89 -13.84 -14.58
C VAL B 192 -2.34 -12.68 -15.40
N GLY B 193 -3.23 -11.97 -16.09
CA GLY B 193 -2.85 -10.95 -17.07
C GLY B 193 -2.21 -9.72 -16.48
N ARG B 194 -2.78 -9.24 -15.37
CA ARG B 194 -2.28 -8.02 -14.71
C ARG B 194 -0.86 -8.19 -14.15
N ILE B 195 -0.52 -9.40 -13.72
CA ILE B 195 0.85 -9.71 -13.27
C ILE B 195 1.81 -9.58 -14.45
N MET B 196 1.46 -10.22 -15.57
CA MET B 196 2.21 -10.11 -16.82
C MET B 196 2.33 -8.65 -17.27
N ASP B 197 1.23 -7.89 -17.17
CA ASP B 197 1.17 -6.48 -17.56
C ASP B 197 2.31 -5.64 -16.94
N PHE B 198 2.48 -5.77 -15.62
CA PHE B 198 3.51 -5.06 -14.87
C PHE B 198 4.91 -5.32 -15.41
N TYR B 199 5.27 -6.60 -15.49
CA TYR B 199 6.63 -7.01 -15.89
C TYR B 199 6.89 -6.77 -17.37
N LYS B 200 5.85 -6.89 -18.19
CA LYS B 200 5.92 -6.50 -19.61
C LYS B 200 6.23 -5.01 -19.75
N ALA B 201 5.62 -4.21 -18.86
CA ALA B 201 5.91 -2.79 -18.77
C ALA B 201 7.15 -2.54 -17.91
N TYR B 207 6.72 -12.28 -23.73
CA TYR B 207 6.83 -13.52 -22.97
C TYR B 207 6.15 -14.69 -23.69
N THR B 208 6.76 -15.86 -23.58
CA THR B 208 6.10 -17.11 -23.96
C THR B 208 5.16 -17.52 -22.82
N ALA B 209 4.22 -18.41 -23.11
CA ALA B 209 3.27 -18.89 -22.11
C ALA B 209 3.97 -19.55 -20.91
N GLU B 210 5.12 -20.15 -21.17
CA GLU B 210 5.92 -20.80 -20.12
C GLU B 210 6.70 -19.80 -19.28
N THR B 211 7.07 -18.67 -19.87
CA THR B 211 7.87 -17.64 -19.19
C THR B 211 7.02 -16.49 -18.66
N ASP B 212 5.74 -16.50 -19.02
CA ASP B 212 4.78 -15.50 -18.56
C ASP B 212 4.74 -15.47 -17.03
N PRO B 213 5.07 -14.31 -16.42
CA PRO B 213 5.14 -14.18 -14.96
C PRO B 213 3.79 -14.39 -14.28
N GLY B 214 2.71 -14.05 -14.98
CA GLY B 214 1.36 -14.32 -14.49
C GLY B 214 1.11 -15.82 -14.37
N VAL B 215 1.42 -16.54 -15.45
CA VAL B 215 1.30 -18.00 -15.49
C VAL B 215 2.16 -18.68 -14.41
N LEU B 216 3.41 -18.23 -14.29
CA LEU B 216 4.33 -18.78 -13.30
C LEU B 216 3.83 -18.56 -11.87
N SER B 217 3.33 -17.36 -11.59
CA SER B 217 2.77 -17.04 -10.28
C SER B 217 1.61 -17.96 -9.90
N VAL B 218 0.67 -18.12 -10.81
CA VAL B 218 -0.48 -19.00 -10.63
C VAL B 218 -0.05 -20.46 -10.45
N LYS B 219 0.91 -20.91 -11.25
CA LYS B 219 1.48 -22.25 -11.09
C LYS B 219 2.13 -22.42 -9.72
N LYS B 220 2.85 -21.39 -9.26
CA LYS B 220 3.47 -21.43 -7.94
C LYS B 220 2.41 -21.62 -6.85
N ILE B 221 1.34 -20.83 -6.93
CA ILE B 221 0.24 -20.92 -5.97
C ILE B 221 -0.46 -22.28 -6.03
N TYR B 222 -0.82 -22.70 -7.23
CA TYR B 222 -1.47 -23.99 -7.45
C TYR B 222 -0.64 -25.14 -6.85
N SER B 223 0.64 -25.19 -7.21
CA SER B 223 1.57 -26.23 -6.72
C SER B 223 1.65 -26.25 -5.19
N TYR B 224 1.70 -25.07 -4.58
CA TYR B 224 1.76 -24.95 -3.12
C TYR B 224 0.50 -25.52 -2.45
N TYR B 225 -0.66 -25.13 -2.97
CA TYR B 225 -1.96 -25.57 -2.45
C TYR B 225 -2.08 -27.10 -2.50
N LYS B 226 -1.72 -27.66 -3.65
CA LYS B 226 -1.83 -29.10 -3.87
C LYS B 226 -0.81 -29.89 -3.06
N ARG B 227 0.43 -29.39 -2.99
CA ARG B 227 1.45 -30.05 -2.18
C ARG B 227 1.00 -30.15 -0.72
N HIS B 228 0.52 -29.05 -0.17
CA HIS B 228 0.20 -29.00 1.26
C HIS B 228 -1.23 -29.37 1.61
N GLY B 229 -2.03 -29.69 0.60
CA GLY B 229 -3.37 -30.22 0.82
C GLY B 229 -4.41 -29.20 1.24
N TYR B 230 -4.19 -27.94 0.87
CA TYR B 230 -5.20 -26.91 1.11
C TYR B 230 -6.38 -27.12 0.16
N ALA B 231 -7.58 -27.04 0.72
CA ALA B 231 -8.83 -27.31 0.00
C ALA B 231 -9.35 -26.12 -0.80
N THR B 232 -8.74 -24.96 -0.59
CA THR B 232 -9.13 -23.75 -1.31
C THR B 232 -9.04 -23.93 -2.83
N GLU B 233 -10.14 -23.62 -3.53
CA GLU B 233 -10.18 -23.71 -5.00
C GLU B 233 -9.38 -22.60 -5.64
N VAL B 234 -8.70 -22.95 -6.74
CA VAL B 234 -7.93 -21.97 -7.48
C VAL B 234 -8.61 -21.64 -8.78
N MET B 235 -9.07 -20.39 -8.90
CA MET B 235 -9.73 -19.93 -10.10
C MET B 235 -8.91 -18.86 -10.80
N ALA B 236 -8.18 -19.26 -11.83
CA ALA B 236 -7.37 -18.31 -12.58
C ALA B 236 -8.29 -17.29 -13.24
N ALA B 237 -7.91 -16.03 -13.16
CA ALA B 237 -8.74 -14.93 -13.62
C ALA B 237 -7.90 -13.91 -14.35
N SER B 238 -8.59 -12.95 -14.97
CA SER B 238 -7.95 -11.82 -15.63
C SER B 238 -7.07 -12.26 -16.80
N PHE B 239 -7.63 -13.07 -17.68
CA PHE B 239 -6.92 -13.51 -18.87
C PHE B 239 -6.94 -12.42 -19.92
N ARG B 240 -5.85 -12.33 -20.67
CA ARG B 240 -5.77 -11.44 -21.82
C ARG B 240 -6.14 -12.24 -23.07
N ASN B 241 -5.59 -13.44 -23.14
CA ASN B 241 -5.58 -14.24 -24.36
C ASN B 241 -5.59 -15.75 -24.10
N LEU B 242 -5.59 -16.54 -25.17
CA LEU B 242 -5.67 -17.99 -25.08
C LEU B 242 -4.34 -18.67 -24.72
N ASP B 243 -3.24 -18.02 -25.03
CA ASP B 243 -1.91 -18.56 -24.73
C ASP B 243 -1.70 -18.79 -23.22
N GLU B 244 -2.11 -17.79 -22.42
CA GLU B 244 -2.07 -17.90 -20.95
C GLU B 244 -3.04 -18.99 -20.47
N LEU B 245 -4.22 -19.01 -21.07
CA LEU B 245 -5.26 -19.98 -20.74
C LEU B 245 -4.78 -21.42 -20.99
N LYS B 246 -4.17 -21.65 -22.14
CA LYS B 246 -3.75 -23.00 -22.53
C LYS B 246 -2.64 -23.55 -21.63
N ALA B 247 -1.74 -22.65 -21.21
CA ALA B 247 -0.67 -23.00 -20.28
C ALA B 247 -1.18 -23.43 -18.91
N LEU B 248 -2.39 -22.96 -18.57
CA LEU B 248 -2.99 -23.23 -17.25
C LEU B 248 -4.13 -24.28 -17.31
N ALA B 249 -4.37 -24.82 -18.50
CA ALA B 249 -5.39 -25.85 -18.66
C ALA B 249 -5.21 -26.99 -17.66
N GLY B 250 -6.30 -27.31 -16.97
CA GLY B 250 -6.28 -28.33 -15.92
C GLY B 250 -6.45 -27.76 -14.52
N ILE B 251 -6.22 -26.45 -14.37
CA ILE B 251 -6.43 -25.74 -13.10
C ILE B 251 -7.90 -25.85 -12.71
N ASP B 252 -8.19 -25.78 -11.40
CA ASP B 252 -9.54 -26.05 -10.86
C ASP B 252 -10.65 -25.35 -11.63
N ASN B 253 -10.53 -24.02 -11.77
CA ASN B 253 -11.50 -23.19 -12.46
C ASN B 253 -10.82 -22.08 -13.23
N MET B 254 -11.48 -21.61 -14.28
CA MET B 254 -11.11 -20.35 -14.90
C MET B 254 -12.36 -19.49 -15.06
N THR B 255 -12.29 -18.23 -14.64
CA THR B 255 -13.37 -17.31 -15.00
C THR B 255 -12.99 -16.50 -16.24
N LEU B 256 -13.90 -16.49 -17.20
CA LEU B 256 -13.60 -15.95 -18.52
C LEU B 256 -14.66 -14.96 -18.99
N PRO B 257 -14.24 -13.84 -19.60
CA PRO B 257 -15.17 -12.88 -20.17
C PRO B 257 -15.83 -13.46 -21.42
N LEU B 258 -16.96 -12.88 -21.82
CA LEU B 258 -17.73 -13.39 -22.97
C LEU B 258 -16.93 -13.49 -24.28
N ASN B 259 -16.05 -12.52 -24.54
CA ASN B 259 -15.22 -12.55 -25.75
C ASN B 259 -14.31 -13.79 -25.85
N LEU B 260 -13.71 -14.17 -24.73
CA LEU B 260 -12.86 -15.35 -24.68
C LEU B 260 -13.67 -16.64 -24.78
N LEU B 261 -14.82 -16.67 -24.11
CA LEU B 261 -15.73 -17.81 -24.17
C LEU B 261 -16.19 -18.05 -25.60
N GLU B 262 -16.58 -16.97 -26.28
CA GLU B 262 -16.98 -17.03 -27.69
C GLU B 262 -15.85 -17.57 -28.57
N GLN B 263 -14.65 -17.04 -28.39
CA GLN B 263 -13.47 -17.51 -29.13
C GLN B 263 -13.29 -19.02 -28.97
N LEU B 264 -13.34 -19.50 -27.72
CA LEU B 264 -13.20 -20.92 -27.39
C LEU B 264 -14.35 -21.76 -27.93
N TYR B 265 -15.55 -21.19 -27.92
CA TYR B 265 -16.76 -21.86 -28.41
C TYR B 265 -16.67 -22.10 -29.93
N GLU B 266 -16.12 -21.11 -30.64
CA GLU B 266 -16.01 -21.15 -32.10
C GLU B 266 -14.77 -21.88 -32.60
N SER B 267 -13.72 -21.85 -31.78
CA SER B 267 -12.44 -22.45 -32.16
C SER B 267 -12.45 -23.97 -32.06
N THR B 268 -11.55 -24.59 -32.83
CA THR B 268 -11.33 -26.03 -32.78
C THR B 268 -9.90 -26.33 -32.31
N ASP B 269 -9.10 -25.28 -32.12
CA ASP B 269 -7.71 -25.44 -31.70
C ASP B 269 -7.57 -26.30 -30.44
N PRO B 270 -6.55 -27.17 -30.41
CA PRO B 270 -6.40 -28.14 -29.33
C PRO B 270 -6.03 -27.54 -27.98
N ILE B 271 -6.66 -28.06 -26.93
CA ILE B 271 -6.35 -27.73 -25.54
C ILE B 271 -6.24 -29.04 -24.77
N GLU B 272 -5.08 -29.25 -24.15
CA GLU B 272 -4.85 -30.47 -23.36
C GLU B 272 -4.47 -30.10 -21.93
N ASN B 273 -4.58 -31.07 -21.03
CA ASN B 273 -4.17 -30.90 -19.64
C ASN B 273 -2.70 -30.51 -19.51
N LYS B 274 -2.45 -29.45 -18.74
CA LYS B 274 -1.10 -29.00 -18.42
C LYS B 274 -0.89 -28.99 -16.91
N LEU B 275 -1.94 -28.63 -16.18
CA LEU B 275 -1.90 -28.60 -14.73
C LEU B 275 -2.76 -29.69 -14.13
N ASN B 276 -2.15 -30.47 -13.23
CA ASN B 276 -2.88 -31.41 -12.41
C ASN B 276 -2.21 -31.52 -11.06
N SER B 277 -2.98 -31.92 -10.04
CA SER B 277 -2.50 -31.90 -8.66
C SER B 277 -1.32 -32.84 -8.43
N GLU B 278 -1.33 -33.98 -9.13
CA GLU B 278 -0.29 -34.99 -8.94
C GLU B 278 1.08 -34.55 -9.45
N SER B 279 1.10 -33.86 -10.60
CA SER B 279 2.34 -33.29 -11.11
C SER B 279 2.75 -32.04 -10.33
N ALA B 280 1.77 -31.16 -10.08
CA ALA B 280 2.03 -29.87 -9.40
C ALA B 280 2.62 -30.02 -8.00
N LYS B 281 2.11 -31.01 -7.24
CA LYS B 281 2.60 -31.30 -5.89
C LYS B 281 4.12 -31.23 -5.77
N GLU B 282 4.81 -31.77 -6.77
CA GLU B 282 6.27 -31.87 -6.77
C GLU B 282 6.98 -30.52 -6.91
N GLU B 283 6.27 -29.53 -7.45
CA GLU B 283 6.85 -28.20 -7.65
C GLU B 283 6.59 -27.24 -6.47
N GLY B 284 5.73 -27.67 -5.55
CA GLY B 284 5.31 -26.83 -4.43
C GLY B 284 6.47 -26.47 -3.53
N VAL B 285 6.55 -25.19 -3.16
CA VAL B 285 7.62 -24.73 -2.28
C VAL B 285 7.32 -25.11 -0.82
N GLU B 286 8.31 -24.98 0.06
CA GLU B 286 8.15 -25.32 1.47
C GLU B 286 7.10 -24.44 2.14
N LYS B 287 6.39 -25.03 3.09
CA LYS B 287 5.33 -24.34 3.83
C LYS B 287 5.85 -23.11 4.57
N VAL B 288 5.09 -22.02 4.48
CA VAL B 288 5.36 -20.77 5.18
C VAL B 288 4.04 -20.29 5.81
N SER B 289 4.08 -19.23 6.62
CA SER B 289 2.86 -18.75 7.30
C SER B 289 2.79 -17.22 7.40
N PHE B 290 1.57 -16.69 7.25
CA PHE B 290 1.32 -15.24 7.34
C PHE B 290 0.07 -14.84 8.12
N ILE B 291 -0.91 -15.74 8.19
CA ILE B 291 -2.25 -15.38 8.69
C ILE B 291 -2.29 -14.87 10.14
N ASN B 292 -1.28 -15.24 10.93
CA ASN B 292 -1.24 -14.88 12.34
C ASN B 292 -0.27 -13.74 12.64
N ASP B 293 0.32 -13.13 11.61
CA ASP B 293 1.35 -12.12 11.83
C ASP B 293 1.17 -10.91 10.90
N GLU B 294 0.31 -9.99 11.31
CA GLU B 294 -0.01 -8.82 10.51
C GLU B 294 1.23 -8.01 10.04
N PRO B 295 2.13 -7.63 10.98
CA PRO B 295 3.32 -6.89 10.52
C PRO B 295 4.14 -7.63 9.48
N HIS B 296 4.30 -8.95 9.66
CA HIS B 296 5.09 -9.75 8.74
C HIS B 296 4.44 -9.80 7.36
N PHE B 297 3.13 -10.07 7.32
CA PHE B 297 2.38 -10.07 6.06
C PHE B 297 2.54 -8.73 5.33
N ARG B 298 2.32 -7.64 6.06
CA ARG B 298 2.39 -6.29 5.48
C ARG B 298 3.79 -5.96 4.93
N TYR B 299 4.82 -6.34 5.67
CA TYR B 299 6.20 -6.11 5.22
C TYR B 299 6.53 -6.90 3.95
N VAL B 300 6.24 -8.20 3.97
CA VAL B 300 6.55 -9.06 2.83
C VAL B 300 5.74 -8.68 1.59
N LEU B 301 4.46 -8.39 1.78
CA LEU B 301 3.65 -7.91 0.65
C LEU B 301 4.22 -6.61 0.09
N ASN B 302 4.63 -5.70 0.97
CA ASN B 302 5.20 -4.44 0.53
C ASN B 302 6.49 -4.62 -0.27
N GLU B 303 7.24 -5.68 0.04
CA GLU B 303 8.45 -5.99 -0.74
C GLU B 303 8.14 -6.44 -2.19
N ASP B 304 6.90 -6.84 -2.43
CA ASP B 304 6.45 -7.20 -3.78
C ASP B 304 5.81 -5.96 -4.40
N GLN B 305 6.62 -5.20 -5.14
CA GLN B 305 6.15 -3.94 -5.72
C GLN B 305 4.98 -4.18 -6.66
N MET B 306 5.07 -5.20 -7.51
CA MET B 306 4.00 -5.51 -8.45
C MET B 306 2.66 -5.71 -7.73
N ALA B 307 2.66 -6.60 -6.74
CA ALA B 307 1.42 -6.98 -6.06
C ALA B 307 0.83 -5.80 -5.32
N THR B 308 1.69 -5.05 -4.63
CA THR B 308 1.28 -3.87 -3.89
C THR B 308 0.61 -2.85 -4.81
N GLU B 309 1.28 -2.53 -5.91
CA GLU B 309 0.79 -1.51 -6.83
C GLU B 309 -0.48 -1.95 -7.55
N LYS B 310 -0.55 -3.23 -7.91
CA LYS B 310 -1.74 -3.76 -8.60
C LYS B 310 -2.96 -3.91 -7.68
N LEU B 311 -2.72 -4.33 -6.43
CA LEU B 311 -3.81 -4.38 -5.43
C LEU B 311 -4.34 -2.98 -5.17
N SER B 312 -3.41 -2.03 -4.96
CA SER B 312 -3.77 -0.64 -4.71
C SER B 312 -4.59 -0.03 -5.86
N ASP B 313 -4.13 -0.23 -7.09
CA ASP B 313 -4.83 0.31 -8.25
C ASP B 313 -6.17 -0.40 -8.50
N GLY B 314 -6.19 -1.72 -8.28
CA GLY B 314 -7.42 -2.50 -8.44
C GLY B 314 -8.54 -1.99 -7.55
N ILE B 315 -8.20 -1.63 -6.32
CA ILE B 315 -9.16 -1.05 -5.38
C ILE B 315 -9.66 0.31 -5.88
N ARG B 316 -8.76 1.15 -6.37
CA ARG B 316 -9.16 2.44 -6.93
C ARG B 316 -10.10 2.27 -8.12
N LYS B 317 -9.75 1.33 -9.01
CA LYS B 317 -10.54 1.09 -10.23
C LYS B 317 -11.94 0.59 -9.90
N PHE B 318 -12.04 -0.41 -9.03
CA PHE B 318 -13.35 -0.91 -8.63
C PHE B 318 -14.15 0.13 -7.86
N SER B 319 -13.48 0.97 -7.07
CA SER B 319 -14.16 2.07 -6.37
C SER B 319 -14.75 3.07 -7.36
N ALA B 320 -14.00 3.33 -8.44
CA ALA B 320 -14.47 4.21 -9.53
C ALA B 320 -15.71 3.65 -10.23
N ASP B 321 -15.75 2.33 -10.45
CA ASP B 321 -16.92 1.69 -11.07
C ASP B 321 -18.15 1.72 -10.18
N ILE B 322 -17.94 1.66 -8.86
CA ILE B 322 -19.03 1.80 -7.91
C ILE B 322 -19.58 3.22 -7.92
N GLU B 323 -18.69 4.20 -7.99
CA GLU B 323 -19.12 5.60 -8.06
C GLU B 323 -19.92 5.84 -9.35
N ALA B 324 -19.51 5.19 -10.44
CA ALA B 324 -20.21 5.26 -11.72
C ALA B 324 -21.61 4.61 -11.66
N LEU B 325 -21.69 3.45 -11.01
CA LEU B 325 -23.00 2.83 -10.74
C LEU B 325 -23.88 3.71 -9.84
N TYR B 326 -23.29 4.31 -8.81
CA TYR B 326 -23.99 5.24 -7.93
C TYR B 326 -24.69 6.34 -8.74
N LYS B 327 -23.94 6.93 -9.68
CA LYS B 327 -24.48 8.01 -10.51
C LYS B 327 -25.58 7.53 -11.45
N LEU B 328 -25.45 6.31 -11.96
CA LEU B 328 -26.51 5.71 -12.78
C LEU B 328 -27.78 5.56 -11.96
N VAL B 329 -27.63 5.01 -10.75
CA VAL B 329 -28.77 4.79 -9.85
C VAL B 329 -29.39 6.13 -9.41
N GLU B 330 -28.55 7.11 -9.08
CA GLU B 330 -29.02 8.45 -8.70
C GLU B 330 -29.97 9.03 -9.76
N GLU B 331 -29.55 8.95 -11.02
CA GLU B 331 -30.35 9.43 -12.13
C GLU B 331 -31.69 8.70 -12.26
N LYS B 332 -31.70 7.38 -12.06
CA LYS B 332 -32.94 6.59 -12.13
C LYS B 332 -33.85 6.87 -10.94
N MET B 333 -33.25 7.01 -9.76
CA MET B 333 -33.97 7.34 -8.54
C MET B 333 -34.71 8.66 -8.72
N LEU B 334 -34.04 9.64 -9.31
CA LEU B 334 -34.65 10.94 -9.62
C LEU B 334 -35.81 10.81 -10.61
N GLU B 335 -35.61 10.00 -11.67
CA GLU B 335 -36.66 9.73 -12.65
C GLU B 335 -37.89 9.11 -12.00
N HIS B 336 -37.64 8.17 -11.08
CA HIS B 336 -38.72 7.50 -10.33
C HIS B 336 -39.45 8.48 -9.41
N HIS B 337 -38.70 9.27 -8.64
CA HIS B 337 -39.28 10.32 -7.79
C HIS B 337 -40.10 11.31 -8.62
N HIS B 338 -39.53 11.79 -9.71
CA HIS B 338 -40.18 12.80 -10.56
C HIS B 338 -41.39 12.28 -11.34
N HIS B 339 -41.30 11.05 -11.82
CA HIS B 339 -42.35 10.47 -12.67
C HIS B 339 -42.98 9.24 -12.02
#